data_1BW9
#
_entry.id   1BW9
#
_cell.length_a   64.300
_cell.length_b   110.200
_cell.length_c   113.400
_cell.angle_alpha   90.00
_cell.angle_beta   90.00
_cell.angle_gamma   90.00
#
_symmetry.space_group_name_H-M   'P 21 21 21'
#
loop_
_entity.id
_entity.type
_entity.pdbx_description
1 polymer 'PHENYLALANINE DEHYDROGENASE'
2 polymer 'PHENYLALANINE DEHYDROGENASE'
3 non-polymer NICOTINAMIDE-ADENINE-DINUCLEOTIDE
4 non-polymer '3-PHENYLPYRUVIC ACID'
5 non-polymer 'POTASSIUM ION'
6 non-polymer 'SODIUM ION'
7 non-polymer 'PHOSPHATE ION'
8 non-polymer 1,2-ETHANEDIOL
9 non-polymer 'ISOPROPYL ALCOHOL'
10 water water
#
loop_
_entity_poly.entity_id
_entity_poly.type
_entity_poly.pdbx_seq_one_letter_code
_entity_poly.pdbx_strand_id
1 'polypeptide(L)'
;MSIDSALNWDGEMTVTRFDSMTGAHFVIRLDSTQLGPAAGGTRAAQYSNLADALTDAGKLAGAMTLKMAVSNLPMGGGKS
VIALPAPRHSIDPSTWARILRIHAENIDKLSGNYWTGPDVNTNSADMDTLNDTTEFVFGRSLERGGAGSSAFTTAVGVFE
AMKATVAHRGLGSLDGLTVLVQGLGAVGGSLASLAAEAGAQLLVADTDTERVAHAVALGHTAVALEDVLSTPCDVFAPCA
MGGVITTEVARTLDCSVVAGAANNVIADEAASDILHARGILYAPDFVANAGGAIHLVGREVLGWSESVVHERAVAIGDTL
NQVFEISDNDGVTPDEAARTLAGRRAREASTTTATA
;
A
2 'polypeptide(L)'
;MSIDSALNWDGEMTVTRFDKMTGAHFVIRLDSTQLGPAAGGTRAAQYSQLADALTDAGKLAGAMTLKMAVSNLPMGGGKS
VIALPAPRHSIDPSTWARILRIHAENIDKLSGNYWTGPDVNTNSADMDTLNDTTEFVFGRSLERGGAGSSAFTTAVGVFE
AMKATVAHRGLGSLDGLTVLVQGLGAVGGSLASLAAEAGAQLLVADTDTERVAHAVALGHTAVALEDVLSTPCDVFAPCA
MGGVITTEVARTLDCSVVAGAANNVIADEAASDILHARGILYAPDFVANAGGAIHLVGREVLGWSESVVHERAVAIGDTL
NQVFEISDNDGVTPDEAARTLAGRRAREASTTTATA
;
B
#
# COMPACT_ATOMS: atom_id res chain seq x y z
N SER A 2 20.35 14.27 -46.44
CA SER A 2 19.97 13.59 -47.68
C SER A 2 19.35 12.28 -47.32
N ILE A 3 18.76 11.61 -48.31
CA ILE A 3 18.17 10.30 -48.00
C ILE A 3 19.25 9.32 -47.53
N ASP A 4 20.37 9.36 -48.27
CA ASP A 4 21.50 8.49 -47.96
C ASP A 4 21.90 8.64 -46.49
N SER A 5 22.15 9.88 -46.08
CA SER A 5 22.50 10.06 -44.68
C SER A 5 21.38 9.58 -43.73
N ALA A 6 20.11 9.82 -44.11
CA ALA A 6 18.97 9.43 -43.26
C ALA A 6 18.90 7.93 -43.09
N LEU A 7 19.30 7.28 -44.17
CA LEU A 7 19.32 5.84 -44.20
C LEU A 7 20.47 5.20 -43.45
N ASN A 8 21.47 6.01 -43.08
CA ASN A 8 22.61 5.50 -42.33
C ASN A 8 22.20 5.59 -40.84
N TRP A 9 21.13 4.90 -40.49
CA TRP A 9 20.55 4.90 -39.15
C TRP A 9 20.79 3.55 -38.51
N ASP A 10 21.06 3.54 -37.23
CA ASP A 10 21.39 2.32 -36.54
C ASP A 10 20.22 1.56 -35.93
N GLY A 11 19.01 2.02 -36.22
CA GLY A 11 17.83 1.36 -35.64
C GLY A 11 17.59 -0.04 -36.16
N GLU A 12 16.60 -0.77 -35.56
CA GLU A 12 16.36 -2.12 -36.00
C GLU A 12 15.68 -2.22 -37.34
N MET A 13 14.84 -1.25 -37.65
CA MET A 13 14.09 -1.33 -38.89
C MET A 13 13.38 -0.02 -39.17
N THR A 14 13.30 0.25 -40.47
CA THR A 14 12.64 1.36 -41.05
C THR A 14 11.60 0.88 -42.05
N VAL A 15 10.36 1.34 -41.86
CA VAL A 15 9.32 0.98 -42.77
C VAL A 15 8.88 2.22 -43.51
N THR A 16 8.78 2.19 -44.86
CA THR A 16 8.34 3.37 -45.54
C THR A 16 7.36 2.96 -46.63
N ARG A 17 6.58 3.92 -47.05
CA ARG A 17 5.59 3.75 -48.07
C ARG A 17 5.20 5.07 -48.66
N PHE A 18 4.86 5.04 -49.94
CA PHE A 18 4.44 6.28 -50.58
C PHE A 18 3.08 5.98 -51.23
N ASP A 19 2.11 6.85 -50.97
CA ASP A 19 0.78 6.71 -51.57
C ASP A 19 0.56 7.85 -52.58
N SER A 20 0.77 7.54 -53.87
CA SER A 20 0.63 8.50 -54.94
C SER A 20 -0.74 9.19 -54.93
N MET A 21 -1.79 8.43 -54.66
CA MET A 21 -3.12 9.00 -54.65
C MET A 21 -3.29 10.17 -53.69
N THR A 22 -2.72 10.05 -52.50
CA THR A 22 -2.87 11.14 -51.54
C THR A 22 -1.64 11.99 -51.54
N GLY A 23 -0.55 11.46 -52.09
CA GLY A 23 0.71 12.18 -52.10
C GLY A 23 1.40 12.11 -50.72
N ALA A 24 0.90 11.28 -49.84
CA ALA A 24 1.49 11.16 -48.51
C ALA A 24 2.63 10.13 -48.49
N HIS A 25 3.55 10.37 -47.56
CA HIS A 25 4.68 9.49 -47.30
C HIS A 25 4.49 8.91 -45.91
N PHE A 26 4.88 7.67 -45.74
CA PHE A 26 4.74 7.01 -44.48
C PHE A 26 6.05 6.45 -43.97
N VAL A 27 6.35 6.69 -42.68
CA VAL A 27 7.56 6.16 -42.10
C VAL A 27 7.25 5.55 -40.76
N ILE A 28 7.77 4.35 -40.54
CA ILE A 28 7.70 3.75 -39.24
C ILE A 28 9.12 3.38 -38.91
N ARG A 29 9.63 3.86 -37.77
CA ARG A 29 10.98 3.46 -37.40
C ARG A 29 10.97 2.69 -36.07
N LEU A 30 11.59 1.50 -36.09
CA LEU A 30 11.68 0.66 -34.94
C LEU A 30 13.12 0.78 -34.41
N ASP A 31 13.30 1.56 -33.35
CA ASP A 31 14.58 1.75 -32.77
C ASP A 31 15.04 0.49 -32.08
N SER A 32 14.19 -0.09 -31.23
CA SER A 32 14.61 -1.27 -30.51
C SER A 32 13.43 -2.09 -30.12
N THR A 33 13.58 -3.41 -30.15
CA THR A 33 12.52 -4.31 -29.70
C THR A 33 13.12 -5.16 -28.55
N GLN A 34 14.18 -4.64 -27.95
CA GLN A 34 14.85 -5.38 -26.92
C GLN A 34 14.00 -5.68 -25.72
N LEU A 35 13.33 -4.68 -25.17
CA LEU A 35 12.53 -4.87 -23.99
C LEU A 35 11.14 -5.38 -24.25
N GLY A 36 10.73 -5.40 -25.53
CA GLY A 36 9.41 -5.85 -25.89
C GLY A 36 9.09 -5.24 -27.24
N PRO A 37 7.87 -5.39 -27.72
CA PRO A 37 7.51 -4.84 -29.01
C PRO A 37 7.79 -3.35 -29.02
N ALA A 38 8.18 -2.83 -30.16
CA ALA A 38 8.44 -1.39 -30.22
C ALA A 38 7.12 -0.65 -30.10
N ALA A 39 7.12 0.47 -29.41
CA ALA A 39 5.87 1.23 -29.28
C ALA A 39 6.13 2.73 -29.37
N GLY A 40 5.21 3.50 -29.98
CA GLY A 40 5.40 4.94 -30.08
C GLY A 40 4.29 5.54 -30.91
N GLY A 41 4.01 6.82 -30.69
CA GLY A 41 2.92 7.47 -31.39
C GLY A 41 3.10 7.73 -32.88
N THR A 42 2.03 8.25 -33.47
CA THR A 42 2.02 8.61 -34.87
C THR A 42 1.96 10.11 -35.00
N ARG A 43 3.03 10.71 -35.52
CA ARG A 43 3.12 12.16 -35.73
C ARG A 43 2.76 12.40 -37.19
N ALA A 44 1.88 13.36 -37.45
CA ALA A 44 1.48 13.68 -38.82
C ALA A 44 1.76 15.16 -39.01
N ALA A 45 2.60 15.46 -40.01
CA ALA A 45 2.97 16.84 -40.26
C ALA A 45 3.56 16.99 -41.64
N GLN A 46 3.82 18.23 -42.02
CA GLN A 46 4.44 18.47 -43.29
C GLN A 46 5.92 18.53 -43.12
N TYR A 47 6.63 18.00 -44.09
CA TYR A 47 8.06 18.02 -44.07
C TYR A 47 8.55 18.55 -45.40
N SER A 48 9.73 19.13 -45.35
CA SER A 48 10.36 19.71 -46.51
C SER A 48 10.89 18.66 -47.45
N ASN A 49 11.52 17.69 -46.81
CA ASN A 49 12.13 16.58 -47.52
C ASN A 49 11.75 15.33 -46.77
N LEU A 50 11.56 14.25 -47.52
CA LEU A 50 11.24 12.95 -46.98
C LEU A 50 12.30 12.60 -45.94
N ALA A 51 13.54 12.97 -46.25
CA ALA A 51 14.68 12.69 -45.39
C ALA A 51 14.49 13.22 -43.97
N ASP A 52 13.88 14.40 -43.88
CA ASP A 52 13.62 15.04 -42.58
C ASP A 52 12.59 14.19 -41.82
N ALA A 53 11.68 13.62 -42.57
CA ALA A 53 10.66 12.74 -41.96
C ALA A 53 11.34 11.47 -41.39
N LEU A 54 12.26 10.93 -42.19
CA LEU A 54 12.99 9.79 -41.73
C LEU A 54 13.81 10.14 -40.50
N THR A 55 14.54 11.23 -40.55
CA THR A 55 15.35 11.62 -39.42
C THR A 55 14.52 11.88 -38.16
N ASP A 56 13.41 12.54 -38.36
CA ASP A 56 12.53 12.81 -37.23
C ASP A 56 12.04 11.51 -36.59
N ALA A 57 11.62 10.62 -37.45
CA ALA A 57 11.12 9.35 -36.96
C ALA A 57 12.18 8.58 -36.16
N GLY A 58 13.43 8.63 -36.64
CA GLY A 58 14.52 7.94 -35.95
C GLY A 58 14.76 8.56 -34.58
N LYS A 59 14.80 9.90 -34.55
CA LYS A 59 15.06 10.53 -33.25
C LYS A 59 13.93 10.25 -32.29
N LEU A 60 12.71 10.32 -32.82
CA LEU A 60 11.54 10.09 -31.95
C LEU A 60 11.49 8.64 -31.43
N ALA A 61 11.83 7.71 -32.33
CA ALA A 61 11.85 6.28 -32.00
C ALA A 61 12.90 5.98 -30.93
N GLY A 62 14.07 6.63 -31.05
CA GLY A 62 15.14 6.46 -30.08
C GLY A 62 14.72 7.01 -28.74
N ALA A 63 14.01 8.12 -28.73
CA ALA A 63 13.55 8.66 -27.44
C ALA A 63 12.54 7.66 -26.81
N MET A 64 11.74 6.99 -27.65
CA MET A 64 10.74 6.03 -27.12
C MET A 64 11.43 4.87 -26.41
N THR A 65 12.55 4.39 -27.02
CA THR A 65 13.31 3.29 -26.43
C THR A 65 13.73 3.61 -24.99
N LEU A 66 14.31 4.78 -24.85
CA LEU A 66 14.80 5.24 -23.58
C LEU A 66 13.67 5.51 -22.59
N LYS A 67 12.60 6.11 -23.09
CA LYS A 67 11.46 6.45 -22.31
C LYS A 67 10.89 5.19 -21.65
N MET A 68 10.69 4.15 -22.46
CA MET A 68 10.13 2.92 -21.89
C MET A 68 11.07 2.35 -20.85
N ALA A 69 12.34 2.29 -21.21
CA ALA A 69 13.40 1.74 -20.37
C ALA A 69 13.50 2.46 -19.04
N VAL A 70 13.63 3.78 -19.11
CA VAL A 70 13.77 4.50 -17.85
C VAL A 70 12.48 4.51 -17.04
N SER A 71 11.35 4.27 -17.67
CA SER A 71 10.04 4.31 -16.99
C SER A 71 9.62 2.93 -16.52
N ASN A 72 10.52 1.98 -16.68
CA ASN A 72 10.21 0.61 -16.29
C ASN A 72 9.02 0.02 -17.06
N LEU A 73 8.84 0.37 -18.36
CA LEU A 73 7.75 -0.19 -19.16
C LEU A 73 8.37 -1.25 -20.11
N PRO A 74 7.76 -2.45 -20.16
CA PRO A 74 8.27 -3.57 -20.91
C PRO A 74 7.96 -3.48 -22.39
N MET A 75 8.54 -2.45 -22.98
CA MET A 75 8.30 -2.27 -24.40
C MET A 75 9.50 -1.64 -25.06
N GLY A 76 9.60 -1.87 -26.37
CA GLY A 76 10.69 -1.28 -27.12
C GLY A 76 10.28 0.12 -27.58
N GLY A 77 11.12 0.77 -28.40
CA GLY A 77 10.80 2.11 -28.87
C GLY A 77 10.64 2.14 -30.40
N GLY A 78 9.59 2.77 -30.84
CA GLY A 78 9.27 2.91 -32.24
C GLY A 78 8.49 4.20 -32.41
N LYS A 79 8.32 4.66 -33.64
CA LYS A 79 7.56 5.89 -33.92
C LYS A 79 7.14 5.91 -35.37
N SER A 80 6.01 6.55 -35.62
CA SER A 80 5.56 6.65 -37.01
C SER A 80 5.51 8.13 -37.33
N VAL A 81 5.85 8.44 -38.56
CA VAL A 81 5.77 9.78 -39.06
C VAL A 81 5.07 9.74 -40.39
N ILE A 82 3.99 10.52 -40.51
CA ILE A 82 3.27 10.61 -41.77
C ILE A 82 3.56 11.99 -42.33
N ALA A 83 4.25 11.98 -43.45
CA ALA A 83 4.62 13.21 -44.11
C ALA A 83 3.46 13.64 -44.99
N LEU A 84 2.72 14.65 -44.50
CA LEU A 84 1.54 15.18 -45.16
C LEU A 84 1.83 15.95 -46.44
N PRO A 85 0.93 15.79 -47.41
CA PRO A 85 1.12 16.48 -48.70
C PRO A 85 0.65 17.94 -48.70
N ALA A 86 0.01 18.31 -47.59
CA ALA A 86 -0.53 19.63 -47.38
C ALA A 86 -0.72 19.83 -45.90
N PRO A 87 -0.92 21.09 -45.51
CA PRO A 87 -1.13 21.41 -44.12
C PRO A 87 -2.27 20.58 -43.60
N ARG A 88 -2.05 19.94 -42.47
CA ARG A 88 -3.01 19.03 -41.88
C ARG A 88 -4.48 19.46 -41.90
N HIS A 89 -4.66 20.76 -41.74
CA HIS A 89 -5.96 21.43 -41.72
C HIS A 89 -6.72 21.40 -43.04
N SER A 90 -5.95 21.41 -44.10
CA SER A 90 -6.41 21.41 -45.47
C SER A 90 -6.81 20.03 -45.96
N ILE A 91 -6.32 19.00 -45.29
CA ILE A 91 -6.57 17.63 -45.70
C ILE A 91 -8.03 17.28 -45.56
N ASP A 92 -8.67 16.95 -46.67
CA ASP A 92 -10.08 16.63 -46.55
C ASP A 92 -10.29 15.31 -45.79
N PRO A 93 -11.46 15.13 -45.22
CA PRO A 93 -11.73 13.93 -44.44
C PRO A 93 -11.52 12.60 -45.18
N SER A 94 -11.81 12.59 -46.49
CA SER A 94 -11.65 11.39 -47.24
C SER A 94 -10.17 11.01 -47.35
N THR A 95 -9.36 12.02 -47.66
CA THR A 95 -7.94 11.82 -47.80
C THR A 95 -7.33 11.38 -46.48
N TRP A 96 -7.75 12.06 -45.41
CA TRP A 96 -7.25 11.71 -44.10
C TRP A 96 -7.56 10.24 -43.75
N ALA A 97 -8.80 9.90 -44.02
CA ALA A 97 -9.27 8.55 -43.76
C ALA A 97 -8.41 7.54 -44.57
N ARG A 98 -8.12 7.91 -45.82
CA ARG A 98 -7.31 7.00 -46.67
C ARG A 98 -5.88 6.86 -46.13
N ILE A 99 -5.34 8.01 -45.69
CA ILE A 99 -4.02 8.00 -45.08
C ILE A 99 -3.95 7.06 -43.86
N LEU A 100 -4.94 7.18 -42.97
CA LEU A 100 -4.97 6.35 -41.79
C LEU A 100 -5.11 4.88 -42.14
N ARG A 101 -5.94 4.57 -43.14
CA ARG A 101 -6.11 3.18 -43.52
C ARG A 101 -4.79 2.58 -44.00
N ILE A 102 -4.07 3.37 -44.78
CA ILE A 102 -2.79 2.92 -45.30
C ILE A 102 -1.77 2.70 -44.14
N HIS A 103 -1.74 3.66 -43.23
CA HIS A 103 -0.88 3.56 -42.10
C HIS A 103 -1.18 2.30 -41.32
N ALA A 104 -2.45 2.07 -41.08
CA ALA A 104 -2.89 0.89 -40.37
C ALA A 104 -2.41 -0.38 -41.05
N GLU A 105 -2.47 -0.42 -42.40
CA GLU A 105 -2.01 -1.59 -43.11
C GLU A 105 -0.52 -1.87 -42.87
N ASN A 106 0.24 -0.76 -42.85
CA ASN A 106 1.66 -0.83 -42.66
C ASN A 106 1.98 -1.40 -41.28
N ILE A 107 1.24 -0.87 -40.29
CA ILE A 107 1.41 -1.32 -38.94
C ILE A 107 1.08 -2.79 -38.85
N ASP A 108 0.02 -3.13 -39.57
CA ASP A 108 -0.46 -4.50 -39.54
C ASP A 108 0.57 -5.49 -40.05
N LYS A 109 1.35 -5.11 -41.06
CA LYS A 109 2.34 -6.08 -41.52
C LYS A 109 3.43 -6.40 -40.49
N LEU A 110 3.58 -5.49 -39.53
CA LEU A 110 4.59 -5.68 -38.51
C LEU A 110 4.16 -6.68 -37.47
N SER A 111 2.89 -7.05 -37.60
CA SER A 111 2.21 -8.04 -36.81
C SER A 111 2.57 -8.00 -35.33
N GLY A 112 2.39 -6.85 -34.73
CA GLY A 112 2.64 -6.80 -33.30
C GLY A 112 4.06 -6.47 -32.87
N ASN A 113 4.99 -6.33 -33.82
CA ASN A 113 6.33 -5.93 -33.43
C ASN A 113 6.36 -4.42 -33.22
N TYR A 114 5.22 -3.78 -33.54
CA TYR A 114 5.09 -2.33 -33.37
C TYR A 114 3.67 -1.99 -32.97
N TRP A 115 3.52 -1.26 -31.85
CA TRP A 115 2.22 -0.76 -31.35
C TRP A 115 2.23 0.75 -31.41
N THR A 116 1.23 1.33 -32.05
CA THR A 116 1.15 2.77 -32.21
C THR A 116 0.28 3.46 -31.16
N GLY A 117 0.19 4.79 -31.28
CA GLY A 117 -0.58 5.61 -30.36
C GLY A 117 -0.65 7.01 -30.93
N PRO A 118 -1.23 7.95 -30.20
CA PRO A 118 -1.33 9.31 -30.72
C PRO A 118 -0.04 10.06 -30.52
N ASP A 119 0.10 11.11 -31.33
CA ASP A 119 1.19 12.04 -31.31
C ASP A 119 0.69 13.29 -32.01
N VAL A 120 1.58 14.18 -32.44
CA VAL A 120 1.18 15.39 -33.09
C VAL A 120 0.22 15.15 -34.24
N ASN A 121 -0.94 15.82 -34.22
CA ASN A 121 -1.91 15.68 -35.29
C ASN A 121 -2.68 14.36 -35.38
N THR A 122 -2.57 13.53 -34.35
CA THR A 122 -3.34 12.30 -34.33
C THR A 122 -4.05 12.25 -32.98
N ASN A 123 -5.27 11.73 -32.96
CA ASN A 123 -5.99 11.68 -31.70
C ASN A 123 -6.66 10.32 -31.47
N SER A 124 -7.46 10.22 -30.42
CA SER A 124 -8.14 8.96 -30.13
C SER A 124 -9.10 8.51 -31.25
N ALA A 125 -9.74 9.46 -31.90
CA ALA A 125 -10.64 9.17 -33.00
C ALA A 125 -9.86 8.49 -34.10
N ASP A 126 -8.68 9.05 -34.38
CA ASP A 126 -7.80 8.48 -35.40
C ASP A 126 -7.35 7.07 -34.98
N MET A 127 -7.08 6.89 -33.67
CA MET A 127 -6.68 5.58 -33.19
C MET A 127 -7.78 4.59 -33.44
N ASP A 128 -9.03 5.03 -33.25
CA ASP A 128 -10.16 4.15 -33.48
C ASP A 128 -10.21 3.74 -34.95
N THR A 129 -9.97 4.73 -35.80
CA THR A 129 -9.98 4.49 -37.21
C THR A 129 -8.88 3.48 -37.56
N LEU A 130 -7.67 3.69 -37.02
CA LEU A 130 -6.54 2.78 -37.31
C LEU A 130 -6.99 1.38 -36.90
N ASN A 131 -7.61 1.31 -35.72
CA ASN A 131 -8.06 0.04 -35.15
C ASN A 131 -9.16 -0.68 -35.94
N ASP A 132 -9.73 0.05 -36.90
CA ASP A 132 -10.74 -0.56 -37.74
C ASP A 132 -10.02 -1.61 -38.55
N THR A 133 -8.75 -1.31 -38.88
CA THR A 133 -7.86 -2.13 -39.70
C THR A 133 -6.84 -2.96 -38.99
N THR A 134 -6.25 -2.44 -37.92
CA THR A 134 -5.25 -3.19 -37.23
C THR A 134 -5.43 -3.17 -35.72
N GLU A 135 -5.04 -4.27 -35.14
CA GLU A 135 -5.09 -4.49 -33.74
C GLU A 135 -4.08 -3.66 -32.90
N PHE A 136 -2.88 -3.45 -33.40
CA PHE A 136 -1.79 -2.82 -32.67
C PHE A 136 -1.84 -1.31 -32.42
N VAL A 137 -2.87 -0.91 -31.66
CA VAL A 137 -3.10 0.46 -31.39
C VAL A 137 -3.45 0.77 -29.97
N PHE A 138 -2.71 1.71 -29.40
CA PHE A 138 -3.04 2.18 -28.10
C PHE A 138 -3.72 3.53 -28.24
N GLY A 139 -4.36 3.96 -27.15
CA GLY A 139 -5.01 5.25 -27.16
C GLY A 139 -6.38 5.36 -27.87
N ARG A 140 -7.04 4.20 -28.06
CA ARG A 140 -8.36 4.21 -28.65
C ARG A 140 -9.27 4.94 -27.67
N SER A 141 -10.45 5.34 -28.14
CA SER A 141 -11.36 6.03 -27.26
C SER A 141 -11.82 5.03 -26.23
N LEU A 142 -12.29 5.59 -25.14
CA LEU A 142 -12.75 4.80 -24.06
C LEU A 142 -13.83 3.83 -24.57
N GLU A 143 -14.75 4.36 -25.37
CA GLU A 143 -15.82 3.53 -25.91
C GLU A 143 -15.23 2.36 -26.68
N ARG A 144 -14.16 2.65 -27.42
CA ARG A 144 -13.51 1.63 -28.22
C ARG A 144 -12.67 0.61 -27.49
N GLY A 145 -12.45 0.80 -26.20
CA GLY A 145 -11.65 -0.15 -25.43
C GLY A 145 -10.25 0.37 -25.11
N GLY A 146 -9.96 1.59 -25.56
CA GLY A 146 -8.65 2.21 -25.35
C GLY A 146 -8.65 2.99 -24.06
N ALA A 147 -7.52 3.63 -23.70
CA ALA A 147 -7.42 4.42 -22.48
C ALA A 147 -7.66 5.88 -22.78
N GLY A 148 -8.03 6.21 -24.01
CA GLY A 148 -8.31 7.58 -24.34
C GLY A 148 -7.07 8.42 -24.29
N SER A 149 -7.28 9.72 -24.06
CA SER A 149 -6.25 10.72 -23.98
C SER A 149 -5.23 10.50 -22.87
N SER A 150 -3.96 10.69 -23.21
CA SER A 150 -2.93 10.53 -22.20
C SER A 150 -2.40 11.90 -21.81
N ALA A 151 -2.94 12.96 -22.41
CA ALA A 151 -2.49 14.33 -22.16
C ALA A 151 -2.47 14.71 -20.68
N PHE A 152 -3.52 14.46 -19.92
CA PHE A 152 -3.45 14.90 -18.52
C PHE A 152 -2.36 14.19 -17.78
N THR A 153 -2.21 12.87 -18.01
CA THR A 153 -1.19 12.12 -17.36
C THR A 153 0.18 12.65 -17.70
N THR A 154 0.35 13.03 -18.95
CA THR A 154 1.63 13.57 -19.33
C THR A 154 1.90 14.84 -18.52
N ALA A 155 0.87 15.71 -18.47
CA ALA A 155 0.96 16.97 -17.75
C ALA A 155 1.37 16.71 -16.28
N VAL A 156 0.70 15.76 -15.65
CA VAL A 156 1.00 15.43 -14.26
C VAL A 156 2.49 15.09 -14.11
N GLY A 157 2.97 14.21 -14.99
CA GLY A 157 4.37 13.79 -14.95
C GLY A 157 5.31 14.98 -15.18
N VAL A 158 4.96 15.81 -16.16
CA VAL A 158 5.81 16.96 -16.46
C VAL A 158 5.86 17.91 -15.26
N PHE A 159 4.70 18.05 -14.66
CA PHE A 159 4.56 18.92 -13.50
C PHE A 159 5.42 18.39 -12.37
N GLU A 160 5.30 17.10 -12.13
CA GLU A 160 6.10 16.52 -11.08
C GLU A 160 7.57 16.61 -11.44
N ALA A 161 7.88 16.44 -12.73
CA ALA A 161 9.25 16.56 -13.17
C ALA A 161 9.78 17.96 -12.85
N MET A 162 8.96 18.96 -13.18
CA MET A 162 9.28 20.37 -12.99
C MET A 162 9.56 20.64 -11.51
N LYS A 163 8.64 20.13 -10.67
CA LYS A 163 8.82 20.31 -9.22
C LYS A 163 10.14 19.73 -8.73
N ALA A 164 10.43 18.53 -9.17
CA ALA A 164 11.63 17.86 -8.75
C ALA A 164 12.84 18.62 -9.20
N THR A 165 12.79 19.07 -10.47
CA THR A 165 13.92 19.78 -11.01
C THR A 165 14.21 21.14 -10.36
N VAL A 166 13.14 21.88 -10.09
CA VAL A 166 13.21 23.20 -9.48
C VAL A 166 13.80 23.04 -8.10
N ALA A 167 13.32 21.98 -7.42
CA ALA A 167 13.82 21.67 -6.07
C ALA A 167 15.28 21.30 -6.12
N HIS A 168 15.62 20.45 -7.07
CA HIS A 168 17.01 20.05 -7.17
C HIS A 168 17.96 21.20 -7.51
N ARG A 169 17.43 22.13 -8.26
CA ARG A 169 18.15 23.30 -8.69
C ARG A 169 18.33 24.32 -7.55
N GLY A 170 17.71 24.05 -6.42
CA GLY A 170 17.81 24.94 -5.26
C GLY A 170 16.87 26.13 -5.31
N LEU A 171 15.81 26.02 -6.09
CA LEU A 171 14.88 27.13 -6.16
C LEU A 171 13.69 27.00 -5.20
N GLY A 172 13.64 25.90 -4.49
CA GLY A 172 12.56 25.66 -3.58
C GLY A 172 11.35 25.14 -4.33
N SER A 173 10.17 25.64 -3.97
CA SER A 173 8.96 25.19 -4.63
C SER A 173 8.52 26.11 -5.74
N LEU A 174 7.55 25.64 -6.54
CA LEU A 174 7.01 26.42 -7.65
C LEU A 174 6.36 27.77 -7.25
N ASP A 175 5.81 27.80 -6.04
CA ASP A 175 5.15 29.00 -5.55
C ASP A 175 6.01 30.25 -5.69
N GLY A 176 5.52 31.20 -6.48
CA GLY A 176 6.25 32.44 -6.69
C GLY A 176 7.25 32.37 -7.87
N LEU A 177 7.54 31.17 -8.38
CA LEU A 177 8.47 31.10 -9.51
C LEU A 177 7.76 31.46 -10.82
N THR A 178 8.53 31.95 -11.80
CA THR A 178 7.97 32.28 -13.09
C THR A 178 8.23 31.11 -14.03
N VAL A 179 7.15 30.64 -14.65
CA VAL A 179 7.20 29.51 -15.57
C VAL A 179 6.71 29.93 -16.94
N LEU A 180 7.52 29.67 -17.96
CA LEU A 180 7.17 30.01 -19.34
C LEU A 180 6.67 28.79 -20.06
N VAL A 181 5.36 28.77 -20.34
CA VAL A 181 4.82 27.64 -21.01
C VAL A 181 4.67 27.91 -22.49
N GLN A 182 5.50 27.23 -23.31
CA GLN A 182 5.44 27.37 -24.76
C GLN A 182 4.56 26.24 -25.27
N GLY A 183 3.36 26.63 -25.72
CA GLY A 183 2.38 25.69 -26.23
C GLY A 183 1.33 25.38 -25.18
N LEU A 184 0.12 25.90 -25.43
CA LEU A 184 -1.04 25.77 -24.53
C LEU A 184 -2.01 24.74 -25.07
N GLY A 185 -1.47 23.61 -25.50
CA GLY A 185 -2.26 22.57 -26.05
C GLY A 185 -2.85 21.66 -25.01
N ALA A 186 -3.09 20.44 -25.43
CA ALA A 186 -3.67 19.44 -24.56
C ALA A 186 -2.84 19.27 -23.28
N VAL A 187 -1.53 19.15 -23.49
CA VAL A 187 -0.63 19.00 -22.36
C VAL A 187 -0.28 20.34 -21.72
N GLY A 188 0.15 21.28 -22.57
CA GLY A 188 0.52 22.58 -22.07
C GLY A 188 -0.55 23.25 -21.22
N GLY A 189 -1.80 23.14 -21.69
CA GLY A 189 -2.92 23.72 -20.97
C GLY A 189 -3.06 23.15 -19.54
N SER A 190 -3.01 21.84 -19.40
CA SER A 190 -3.13 21.26 -18.08
C SER A 190 -1.97 21.60 -17.22
N LEU A 191 -0.79 21.59 -17.82
CA LEU A 191 0.44 21.91 -17.12
C LEU A 191 0.38 23.30 -16.52
N ALA A 192 -0.16 24.22 -17.33
CA ALA A 192 -0.30 25.59 -16.91
C ALA A 192 -1.22 25.67 -15.69
N SER A 193 -2.32 24.94 -15.78
CA SER A 193 -3.28 24.86 -14.67
C SER A 193 -2.59 24.36 -13.41
N LEU A 194 -1.84 23.25 -13.56
CA LEU A 194 -1.13 22.65 -12.43
C LEU A 194 -0.15 23.57 -11.73
N ALA A 195 0.66 24.18 -12.57
CA ALA A 195 1.68 25.08 -12.07
C ALA A 195 1.10 26.31 -11.39
N ALA A 196 0.07 26.85 -12.02
CA ALA A 196 -0.61 28.03 -11.52
C ALA A 196 -1.25 27.75 -10.15
N GLU A 197 -1.75 26.52 -10.02
CA GLU A 197 -2.36 26.09 -8.78
C GLU A 197 -1.30 25.96 -7.68
N ALA A 198 -0.08 25.57 -8.08
CA ALA A 198 1.04 25.45 -7.16
C ALA A 198 1.65 26.81 -6.86
N GLY A 199 1.04 27.87 -7.38
CA GLY A 199 1.54 29.21 -7.11
C GLY A 199 2.48 29.82 -8.11
N ALA A 200 2.76 29.14 -9.21
CA ALA A 200 3.67 29.76 -10.18
C ALA A 200 3.00 30.90 -10.93
N GLN A 201 3.79 31.86 -11.43
CA GLN A 201 3.29 32.95 -12.24
C GLN A 201 3.55 32.49 -13.65
N LEU A 202 2.54 32.47 -14.49
CA LEU A 202 2.76 31.98 -15.84
C LEU A 202 2.88 32.98 -16.97
N LEU A 203 3.91 32.71 -17.77
CA LEU A 203 4.08 33.44 -18.97
C LEU A 203 3.66 32.43 -20.03
N VAL A 204 2.91 32.82 -21.05
CA VAL A 204 2.50 31.85 -22.02
C VAL A 204 2.62 32.27 -23.45
N ALA A 205 2.76 31.26 -24.31
CA ALA A 205 2.84 31.56 -25.71
C ALA A 205 2.22 30.47 -26.51
N ASP A 206 1.57 30.85 -27.59
CA ASP A 206 0.96 29.90 -28.48
C ASP A 206 0.66 30.57 -29.83
N THR A 207 0.67 29.80 -30.87
CA THR A 207 0.37 30.39 -32.18
C THR A 207 -1.12 30.63 -32.35
N ASP A 208 -1.88 29.93 -31.50
CA ASP A 208 -3.31 30.06 -31.42
C ASP A 208 -3.58 31.26 -30.55
N THR A 209 -4.05 32.31 -31.18
CA THR A 209 -4.36 33.50 -30.45
C THR A 209 -5.49 33.33 -29.43
N GLU A 210 -6.46 32.46 -29.75
CA GLU A 210 -7.60 32.17 -28.86
C GLU A 210 -7.04 31.60 -27.56
N ARG A 211 -6.11 30.63 -27.75
CA ARG A 211 -5.47 29.98 -26.61
C ARG A 211 -4.83 30.93 -25.65
N VAL A 212 -4.09 31.88 -26.21
CA VAL A 212 -3.42 32.92 -25.43
C VAL A 212 -4.42 33.79 -24.65
N ALA A 213 -5.47 34.18 -25.34
CA ALA A 213 -6.49 35.03 -24.71
C ALA A 213 -7.11 34.33 -23.52
N HIS A 214 -7.40 33.06 -23.72
CA HIS A 214 -7.96 32.26 -22.66
C HIS A 214 -7.02 32.29 -21.45
N ALA A 215 -5.74 32.02 -21.69
CA ALA A 215 -4.77 32.07 -20.61
C ALA A 215 -4.71 33.45 -19.94
N VAL A 216 -4.73 34.50 -20.74
CA VAL A 216 -4.68 35.84 -20.20
C VAL A 216 -5.89 36.06 -19.30
N ALA A 217 -7.03 35.58 -19.83
CA ALA A 217 -8.28 35.66 -19.08
C ALA A 217 -8.11 35.00 -17.73
N LEU A 218 -7.23 34.01 -17.68
CA LEU A 218 -6.98 33.30 -16.45
C LEU A 218 -5.91 33.96 -15.60
N GLY A 219 -5.42 35.12 -16.01
CA GLY A 219 -4.42 35.79 -15.20
C GLY A 219 -2.98 35.57 -15.66
N HIS A 220 -2.82 34.82 -16.74
CA HIS A 220 -1.47 34.59 -17.22
C HIS A 220 -1.01 35.72 -18.11
N THR A 221 0.30 35.79 -18.29
CA THR A 221 0.94 36.83 -19.10
C THR A 221 1.38 36.28 -20.44
N ALA A 222 0.89 36.89 -21.51
CA ALA A 222 1.26 36.44 -22.84
C ALA A 222 2.65 36.91 -23.27
N VAL A 223 3.28 36.08 -24.08
CA VAL A 223 4.61 36.36 -24.62
C VAL A 223 4.52 36.22 -26.14
N ALA A 224 5.06 37.19 -26.83
CA ALA A 224 5.03 37.13 -28.28
C ALA A 224 6.00 36.05 -28.74
N LEU A 225 5.59 35.35 -29.78
CA LEU A 225 6.36 34.27 -30.36
C LEU A 225 7.87 34.61 -30.55
N GLU A 226 8.16 35.80 -31.09
CA GLU A 226 9.50 36.30 -31.35
C GLU A 226 10.31 36.34 -30.07
N ASP A 227 9.58 36.61 -28.99
CA ASP A 227 10.21 36.74 -27.68
C ASP A 227 10.37 35.50 -26.82
N VAL A 228 9.72 34.41 -27.18
CA VAL A 228 9.75 33.23 -26.35
C VAL A 228 11.08 32.77 -25.81
N LEU A 229 12.06 32.65 -26.70
CA LEU A 229 13.37 32.17 -26.28
C LEU A 229 14.29 33.21 -25.65
N SER A 230 13.80 34.45 -25.57
CA SER A 230 14.56 35.54 -25.00
C SER A 230 13.92 36.04 -23.71
N THR A 231 12.84 35.39 -23.30
CA THR A 231 12.15 35.81 -22.10
C THR A 231 12.71 35.24 -20.80
N PRO A 232 13.13 36.10 -19.92
CA PRO A 232 13.65 35.61 -18.64
C PRO A 232 12.54 34.89 -17.84
N CYS A 233 12.91 33.80 -17.22
CA CYS A 233 12.01 32.97 -16.42
C CYS A 233 12.84 32.05 -15.56
N ASP A 234 12.17 31.45 -14.59
CA ASP A 234 12.81 30.48 -13.74
C ASP A 234 12.80 29.18 -14.47
N VAL A 235 11.59 28.82 -14.95
CA VAL A 235 11.40 27.60 -15.68
C VAL A 235 10.90 27.87 -17.08
N PHE A 236 11.54 27.13 -18.02
CA PHE A 236 11.18 27.13 -19.43
C PHE A 236 10.55 25.76 -19.68
N ALA A 237 9.30 25.80 -20.08
CA ALA A 237 8.50 24.59 -20.31
C ALA A 237 8.09 24.45 -21.78
N PRO A 238 8.90 23.84 -22.59
CA PRO A 238 8.57 23.66 -24.00
C PRO A 238 7.50 22.58 -24.14
N CYS A 239 6.32 22.97 -24.60
CA CYS A 239 5.23 22.01 -24.73
C CYS A 239 4.59 22.02 -26.12
N ALA A 240 5.35 22.49 -27.11
CA ALA A 240 4.92 22.55 -28.51
C ALA A 240 5.87 21.64 -29.31
N MET A 241 6.54 22.20 -30.31
CA MET A 241 7.47 21.43 -31.13
C MET A 241 8.76 21.10 -30.40
N GLY A 242 9.46 20.09 -30.95
CA GLY A 242 10.75 19.63 -30.46
C GLY A 242 11.85 20.48 -31.12
N GLY A 243 13.12 20.18 -30.79
CA GLY A 243 14.27 20.88 -31.33
C GLY A 243 14.32 22.38 -31.07
N VAL A 244 13.68 22.82 -30.03
CA VAL A 244 13.69 24.21 -29.71
C VAL A 244 15.04 24.70 -29.20
N ILE A 245 15.70 23.83 -28.44
CA ILE A 245 16.93 24.22 -27.84
C ILE A 245 18.15 23.85 -28.69
N THR A 246 18.49 24.77 -29.60
CA THR A 246 19.66 24.60 -30.43
C THR A 246 20.88 25.03 -29.65
N THR A 247 22.05 24.80 -30.24
CA THR A 247 23.26 25.24 -29.60
C THR A 247 23.21 26.75 -29.26
N GLU A 248 22.77 27.51 -30.25
CA GLU A 248 22.68 28.96 -30.13
C GLU A 248 21.71 29.38 -29.04
N VAL A 249 20.52 28.73 -29.01
CA VAL A 249 19.54 29.06 -28.01
C VAL A 249 20.05 28.67 -26.62
N ALA A 250 20.75 27.52 -26.54
CA ALA A 250 21.27 27.09 -25.22
C ALA A 250 22.24 28.09 -24.56
N ARG A 251 22.97 28.81 -25.42
CA ARG A 251 23.94 29.80 -24.96
C ARG A 251 23.30 31.01 -24.30
N THR A 252 22.13 31.39 -24.80
CA THR A 252 21.43 32.57 -24.38
C THR A 252 20.17 32.39 -23.57
N LEU A 253 19.70 31.12 -23.45
CA LEU A 253 18.46 30.88 -22.70
C LEU A 253 18.61 31.49 -21.30
N ASP A 254 17.63 32.30 -20.89
CA ASP A 254 17.65 32.96 -19.60
C ASP A 254 16.67 32.36 -18.59
N CYS A 255 17.01 31.18 -18.09
CA CYS A 255 16.19 30.49 -17.11
C CYS A 255 17.07 29.58 -16.26
N SER A 256 16.50 29.02 -15.21
CA SER A 256 17.27 28.12 -14.36
C SER A 256 16.98 26.66 -14.60
N VAL A 257 15.78 26.37 -15.08
CA VAL A 257 15.36 25.00 -15.30
C VAL A 257 14.64 24.91 -16.63
N VAL A 258 14.83 23.77 -17.30
CA VAL A 258 14.11 23.49 -18.54
C VAL A 258 13.33 22.19 -18.24
N ALA A 259 12.00 22.24 -18.36
CA ALA A 259 11.22 21.05 -18.07
C ALA A 259 9.89 21.17 -18.79
N GLY A 260 9.74 20.40 -19.88
CA GLY A 260 8.52 20.51 -20.63
C GLY A 260 8.02 19.18 -21.14
N ALA A 261 7.00 19.26 -21.97
CA ALA A 261 6.40 18.05 -22.50
C ALA A 261 6.88 17.70 -23.89
N ALA A 262 7.43 18.69 -24.58
CA ALA A 262 7.82 18.47 -25.97
C ALA A 262 8.76 17.30 -26.19
N ASN A 263 8.60 16.64 -27.31
CA ASN A 263 9.53 15.58 -27.58
C ASN A 263 10.81 16.16 -28.23
N ASN A 264 11.95 15.46 -27.96
CA ASN A 264 13.24 15.81 -28.54
C ASN A 264 13.49 17.31 -28.46
N VAL A 265 13.41 17.83 -27.24
CA VAL A 265 13.58 19.24 -26.95
C VAL A 265 14.91 19.81 -27.42
N ILE A 266 15.95 19.04 -27.16
CA ILE A 266 17.34 19.45 -27.48
C ILE A 266 17.69 19.13 -28.93
N ALA A 267 18.09 20.16 -29.66
CA ALA A 267 18.38 19.97 -31.08
C ALA A 267 19.69 19.30 -31.38
N ASP A 268 20.72 19.65 -30.64
CA ASP A 268 22.06 19.08 -30.86
C ASP A 268 22.71 18.79 -29.52
N GLU A 269 23.63 17.86 -29.54
CA GLU A 269 24.31 17.46 -28.33
C GLU A 269 25.01 18.61 -27.60
N ALA A 270 25.64 19.47 -28.40
CA ALA A 270 26.33 20.59 -27.79
C ALA A 270 25.38 21.43 -26.93
N ALA A 271 24.12 21.50 -27.38
CA ALA A 271 23.12 22.27 -26.65
C ALA A 271 23.00 21.69 -25.25
N SER A 272 22.92 20.38 -25.19
CA SER A 272 22.86 19.70 -23.92
C SER A 272 24.06 20.05 -23.01
N ASP A 273 25.26 19.93 -23.59
CA ASP A 273 26.49 20.24 -22.88
C ASP A 273 26.45 21.68 -22.39
N ILE A 274 26.01 22.60 -23.26
CA ILE A 274 25.95 24.03 -22.93
C ILE A 274 25.02 24.33 -21.75
N LEU A 275 23.80 23.74 -21.78
CA LEU A 275 22.88 23.99 -20.69
C LEU A 275 23.52 23.55 -19.36
N HIS A 276 24.14 22.36 -19.41
CA HIS A 276 24.75 21.78 -18.24
C HIS A 276 25.85 22.66 -17.76
N ALA A 277 26.69 23.11 -18.70
CA ALA A 277 27.78 23.96 -18.28
C ALA A 277 27.29 25.28 -17.73
N ARG A 278 26.22 25.81 -18.27
CA ARG A 278 25.69 27.12 -17.82
C ARG A 278 24.90 26.98 -16.53
N GLY A 279 24.73 25.75 -16.02
CA GLY A 279 23.96 25.67 -14.79
C GLY A 279 22.44 25.70 -14.99
N ILE A 280 21.96 25.45 -16.22
CA ILE A 280 20.53 25.43 -16.44
C ILE A 280 20.18 23.96 -16.33
N LEU A 281 19.45 23.57 -15.28
CA LEU A 281 19.11 22.16 -15.04
C LEU A 281 18.00 21.69 -15.95
N TYR A 282 18.33 20.73 -16.81
CA TYR A 282 17.34 20.25 -17.74
C TYR A 282 16.84 18.87 -17.36
N ALA A 283 15.49 18.70 -17.34
CA ALA A 283 14.85 17.42 -17.04
C ALA A 283 14.66 16.76 -18.41
N PRO A 284 15.43 15.71 -18.70
CA PRO A 284 15.34 15.10 -20.05
C PRO A 284 13.94 14.76 -20.48
N ASP A 285 13.63 15.21 -21.70
CA ASP A 285 12.31 14.99 -22.25
C ASP A 285 11.80 13.57 -22.11
N PHE A 286 12.64 12.59 -22.50
CA PHE A 286 12.24 11.19 -22.48
C PHE A 286 11.91 10.66 -21.10
N VAL A 287 12.36 11.38 -20.09
CA VAL A 287 12.01 10.99 -18.71
C VAL A 287 10.78 11.80 -18.29
N ALA A 288 10.87 13.12 -18.49
CA ALA A 288 9.84 14.04 -18.06
C ALA A 288 8.46 13.89 -18.64
N ASN A 289 8.42 13.54 -19.92
CA ASN A 289 7.14 13.48 -20.56
C ASN A 289 6.57 12.09 -20.62
N ALA A 290 7.20 11.19 -19.87
CA ALA A 290 6.81 9.80 -19.89
C ALA A 290 5.43 9.47 -19.38
N GLY A 291 4.69 10.48 -18.87
CA GLY A 291 3.38 10.19 -18.36
C GLY A 291 2.46 9.64 -19.43
N GLY A 292 2.70 10.04 -20.66
CA GLY A 292 1.84 9.58 -21.73
C GLY A 292 1.97 8.06 -21.89
N ALA A 293 3.23 7.63 -21.98
CA ALA A 293 3.52 6.23 -22.14
C ALA A 293 3.09 5.44 -20.91
N ILE A 294 3.35 5.99 -19.73
CA ILE A 294 2.96 5.28 -18.53
C ILE A 294 1.45 5.06 -18.53
N HIS A 295 0.72 6.07 -18.99
CA HIS A 295 -0.72 5.98 -19.09
C HIS A 295 -1.15 4.92 -20.09
N LEU A 296 -0.66 5.06 -21.32
CA LEU A 296 -1.05 4.10 -22.37
C LEU A 296 -0.65 2.66 -22.07
N VAL A 297 0.64 2.44 -21.79
CA VAL A 297 1.13 1.11 -21.50
C VAL A 297 0.58 0.59 -20.18
N GLY A 298 0.61 1.46 -19.18
CA GLY A 298 0.11 1.07 -17.87
C GLY A 298 -1.32 0.58 -17.97
N ARG A 299 -2.14 1.42 -18.57
CA ARG A 299 -3.54 1.12 -18.69
C ARG A 299 -3.87 -0.04 -19.59
N GLU A 300 -3.42 0.07 -20.82
CA GLU A 300 -3.71 -0.88 -21.87
C GLU A 300 -2.90 -2.17 -21.86
N VAL A 301 -1.70 -2.17 -21.28
CA VAL A 301 -0.86 -3.37 -21.28
C VAL A 301 -0.67 -3.97 -19.92
N LEU A 302 -0.31 -3.14 -18.99
CA LEU A 302 -0.02 -3.63 -17.67
C LEU A 302 -1.22 -3.83 -16.77
N GLY A 303 -2.40 -3.45 -17.15
CA GLY A 303 -3.44 -3.72 -16.19
C GLY A 303 -3.51 -2.80 -15.01
N TRP A 304 -2.79 -1.71 -15.04
CA TRP A 304 -2.79 -0.79 -13.92
C TRP A 304 -4.05 0.02 -13.80
N SER A 305 -4.37 0.33 -12.54
CA SER A 305 -5.52 1.16 -12.26
C SER A 305 -5.19 2.64 -12.54
N GLU A 306 -6.19 3.52 -12.60
CA GLU A 306 -5.90 4.92 -12.87
C GLU A 306 -5.08 5.56 -11.77
N SER A 307 -5.37 5.14 -10.58
CA SER A 307 -4.66 5.67 -9.45
C SER A 307 -3.19 5.28 -9.50
N VAL A 308 -2.98 4.04 -9.86
CA VAL A 308 -1.63 3.51 -9.96
C VAL A 308 -0.88 4.25 -11.07
N VAL A 309 -1.56 4.49 -12.19
CA VAL A 309 -0.97 5.21 -13.31
C VAL A 309 -0.58 6.57 -12.79
N HIS A 310 -1.49 7.13 -12.06
CA HIS A 310 -1.25 8.43 -11.49
C HIS A 310 -0.01 8.47 -10.58
N GLU A 311 0.08 7.47 -9.77
CA GLU A 311 1.22 7.30 -8.89
C GLU A 311 2.52 7.18 -9.72
N ARG A 312 2.48 6.33 -10.74
CA ARG A 312 3.67 6.10 -11.58
C ARG A 312 4.14 7.38 -12.26
N ALA A 313 3.19 8.19 -12.69
CA ALA A 313 3.52 9.45 -13.31
C ALA A 313 4.13 10.37 -12.29
N VAL A 314 3.56 10.37 -11.08
CA VAL A 314 4.12 11.21 -10.05
C VAL A 314 5.56 10.81 -9.80
N ALA A 315 5.83 9.49 -9.87
CA ALA A 315 7.16 8.92 -9.65
C ALA A 315 8.26 9.38 -10.64
N ILE A 316 7.83 10.15 -11.66
CA ILE A 316 8.77 10.67 -12.61
C ILE A 316 9.70 11.62 -11.83
N GLY A 317 9.17 12.31 -10.80
CA GLY A 317 10.04 13.20 -10.03
C GLY A 317 11.17 12.40 -9.37
N ASP A 318 10.81 11.24 -8.82
CA ASP A 318 11.79 10.37 -8.19
C ASP A 318 12.83 9.88 -9.22
N THR A 319 12.34 9.50 -10.42
CA THR A 319 13.28 9.05 -11.43
C THR A 319 14.32 10.14 -11.76
N LEU A 320 13.79 11.36 -11.85
CA LEU A 320 14.60 12.55 -12.12
C LEU A 320 15.56 12.79 -10.98
N ASN A 321 15.11 12.53 -9.76
CA ASN A 321 16.00 12.70 -8.64
C ASN A 321 17.21 11.76 -8.83
N GLN A 322 16.94 10.52 -9.31
CA GLN A 322 17.99 9.54 -9.54
C GLN A 322 18.93 9.96 -10.65
N VAL A 323 18.32 10.55 -11.70
CA VAL A 323 19.03 11.07 -12.84
C VAL A 323 20.03 12.15 -12.42
N PHE A 324 19.53 13.17 -11.67
CA PHE A 324 20.34 14.29 -11.22
C PHE A 324 21.44 13.81 -10.29
N GLU A 325 21.10 12.79 -9.52
CA GLU A 325 22.05 12.19 -8.61
C GLU A 325 23.21 11.59 -9.35
N ILE A 326 22.96 10.91 -10.45
CA ILE A 326 24.05 10.33 -11.21
C ILE A 326 24.82 11.44 -11.93
N SER A 327 24.08 12.47 -12.37
CA SER A 327 24.70 13.56 -13.09
C SER A 327 25.73 14.27 -12.24
N ASP A 328 25.36 14.44 -10.98
CA ASP A 328 26.21 15.09 -10.02
C ASP A 328 27.44 14.28 -9.61
N ASN A 329 27.25 12.97 -9.40
CA ASN A 329 28.32 12.06 -8.97
C ASN A 329 29.34 11.76 -10.04
N ASP A 330 28.82 11.51 -11.22
CA ASP A 330 29.62 11.17 -12.36
C ASP A 330 30.00 12.34 -13.23
N GLY A 331 29.45 13.51 -12.95
CA GLY A 331 29.79 14.66 -13.74
C GLY A 331 29.43 14.50 -15.21
N VAL A 332 28.19 14.19 -15.51
CA VAL A 332 27.73 14.06 -16.89
C VAL A 332 26.50 14.90 -17.02
N THR A 333 26.02 15.09 -18.24
CA THR A 333 24.82 15.88 -18.40
C THR A 333 23.60 15.07 -17.92
N PRO A 334 22.50 15.75 -17.69
CA PRO A 334 21.33 15.01 -17.26
C PRO A 334 20.90 14.00 -18.32
N ASP A 335 21.02 14.38 -19.60
CA ASP A 335 20.62 13.47 -20.63
C ASP A 335 21.47 12.18 -20.59
N GLU A 336 22.77 12.35 -20.38
CA GLU A 336 23.65 11.21 -20.31
C GLU A 336 23.31 10.36 -19.06
N ALA A 337 23.09 11.06 -17.93
CA ALA A 337 22.76 10.33 -16.71
C ALA A 337 21.46 9.54 -16.88
N ALA A 338 20.55 10.13 -17.65
CA ALA A 338 19.25 9.50 -17.89
C ALA A 338 19.37 8.24 -18.73
N ARG A 339 20.24 8.34 -19.74
CA ARG A 339 20.51 7.20 -20.58
C ARG A 339 21.13 6.13 -19.69
N THR A 340 22.00 6.57 -18.79
CA THR A 340 22.63 5.61 -17.89
C THR A 340 21.62 4.88 -17.04
N LEU A 341 20.71 5.67 -16.48
CA LEU A 341 19.65 5.13 -15.65
C LEU A 341 18.77 4.19 -16.46
N ALA A 342 18.43 4.64 -17.67
CA ALA A 342 17.62 3.82 -18.54
C ALA A 342 18.24 2.45 -18.73
N GLY A 343 19.56 2.48 -19.03
CA GLY A 343 20.30 1.24 -19.24
C GLY A 343 20.31 0.37 -17.97
N ARG A 344 20.43 1.00 -16.82
CA ARG A 344 20.43 0.25 -15.58
C ARG A 344 19.12 -0.48 -15.38
N ARG A 345 18.07 0.29 -15.48
CA ARG A 345 16.72 -0.20 -15.30
C ARG A 345 16.38 -1.33 -16.23
N ALA A 346 16.77 -1.11 -17.47
CA ALA A 346 16.48 -2.11 -18.48
C ALA A 346 17.12 -3.43 -18.11
N ARG A 347 18.38 -3.38 -17.67
CA ARG A 347 19.09 -4.59 -17.27
C ARG A 347 18.35 -5.26 -16.15
N GLU A 348 18.18 -4.47 -15.08
CA GLU A 348 17.46 -4.86 -13.87
C GLU A 348 16.13 -5.48 -14.20
N ALA A 349 15.47 -4.87 -15.18
CA ALA A 349 14.18 -5.27 -15.69
C ALA A 349 14.25 -6.62 -16.42
N SER A 350 15.46 -6.95 -16.84
CA SER A 350 15.77 -8.19 -17.54
C SER A 350 16.49 -9.12 -16.59
N THR A 351 16.84 -8.54 -15.44
CA THR A 351 17.55 -9.18 -14.33
C THR A 351 16.86 -8.92 -12.99
N SER B 2 6.73 -8.71 38.81
CA SER B 2 7.85 -8.78 39.74
C SER B 2 9.14 -8.34 39.06
N ILE B 3 10.20 -8.08 39.82
CA ILE B 3 11.48 -7.69 39.20
C ILE B 3 11.91 -8.69 38.14
N ASP B 4 11.83 -9.97 38.51
CA ASP B 4 12.24 -10.99 37.58
C ASP B 4 11.44 -10.98 36.29
N SER B 5 10.10 -10.91 36.38
CA SER B 5 9.23 -10.92 35.22
C SER B 5 9.34 -9.64 34.43
N ALA B 6 9.77 -8.59 35.12
CA ALA B 6 9.90 -7.31 34.47
C ALA B 6 11.25 -7.13 33.78
N LEU B 7 12.31 -7.50 34.49
CA LEU B 7 13.63 -7.30 33.98
C LEU B 7 14.34 -8.52 33.43
N ASN B 8 14.16 -9.66 34.07
CA ASN B 8 14.87 -10.85 33.69
C ASN B 8 14.02 -11.73 32.84
N TRP B 9 13.25 -11.08 31.98
CA TRP B 9 12.37 -11.83 31.10
C TRP B 9 13.21 -12.42 29.96
N ASP B 10 12.96 -13.66 29.59
CA ASP B 10 13.71 -14.37 28.55
C ASP B 10 13.22 -14.28 27.11
N GLY B 11 12.29 -13.40 26.81
CA GLY B 11 11.77 -13.29 25.45
C GLY B 11 12.76 -12.63 24.53
N GLU B 12 12.43 -12.63 23.24
CA GLU B 12 13.33 -12.09 22.27
C GLU B 12 13.55 -10.61 22.34
N MET B 13 12.55 -9.80 22.66
CA MET B 13 12.81 -8.37 22.63
C MET B 13 11.74 -7.59 23.41
N THR B 14 12.19 -6.51 24.05
CA THR B 14 11.33 -5.61 24.77
C THR B 14 11.60 -4.23 24.18
N VAL B 15 10.52 -3.57 23.87
CA VAL B 15 10.53 -2.23 23.32
C VAL B 15 9.78 -1.39 24.35
N THR B 16 10.40 -0.28 24.75
CA THR B 16 9.79 0.64 25.66
C THR B 16 9.98 2.08 25.14
N ARG B 17 9.06 2.93 25.59
CA ARG B 17 9.06 4.33 25.27
C ARG B 17 8.21 5.05 26.26
N PHE B 18 8.62 6.30 26.53
CA PHE B 18 7.87 7.16 27.42
C PHE B 18 7.55 8.44 26.69
N ASP B 19 6.29 8.89 26.82
CA ASP B 19 5.88 10.15 26.17
C ASP B 19 5.50 11.14 27.27
N LYS B 20 6.40 12.07 27.59
CA LYS B 20 6.14 13.04 28.65
C LYS B 20 4.83 13.82 28.49
N MET B 21 4.56 14.20 27.24
CA MET B 21 3.37 14.95 26.97
C MET B 21 2.09 14.30 27.47
N THR B 22 1.94 13.03 27.18
CA THR B 22 0.73 12.34 27.63
C THR B 22 0.91 11.62 28.95
N GLY B 23 2.16 11.37 29.32
CA GLY B 23 2.50 10.67 30.54
C GLY B 23 2.31 9.16 30.33
N ALA B 24 2.10 8.74 29.06
CA ALA B 24 1.93 7.34 28.76
C ALA B 24 3.28 6.64 28.56
N HIS B 25 3.31 5.38 29.04
CA HIS B 25 4.45 4.48 28.91
C HIS B 25 3.99 3.43 27.92
N PHE B 26 4.92 2.98 27.07
CA PHE B 26 4.66 2.02 26.02
C PHE B 26 5.60 0.84 26.15
N VAL B 27 5.02 -0.34 26.07
CA VAL B 27 5.79 -1.54 26.12
C VAL B 27 5.28 -2.47 25.02
N ILE B 28 6.22 -3.05 24.31
CA ILE B 28 5.96 -4.07 23.33
C ILE B 28 6.95 -5.19 23.66
N ARG B 29 6.41 -6.38 23.91
CA ARG B 29 7.28 -7.49 24.14
C ARG B 29 7.07 -8.52 23.06
N LEU B 30 8.16 -8.91 22.40
CA LEU B 30 8.12 -9.96 21.38
C LEU B 30 8.70 -11.19 22.05
N ASP B 31 7.82 -12.13 22.40
CA ASP B 31 8.29 -13.31 23.06
C ASP B 31 9.10 -14.23 22.14
N SER B 32 8.50 -14.48 20.95
CA SER B 32 9.13 -15.39 20.01
C SER B 32 8.74 -15.03 18.61
N THR B 33 9.73 -15.19 17.69
CA THR B 33 9.48 -15.01 16.28
C THR B 33 9.87 -16.27 15.55
N GLN B 34 9.95 -17.35 16.33
CA GLN B 34 10.32 -18.62 15.78
C GLN B 34 9.41 -19.05 14.61
N LEU B 35 8.08 -19.11 14.88
CA LEU B 35 7.10 -19.53 13.87
C LEU B 35 6.70 -18.42 12.88
N GLY B 36 7.25 -17.24 13.08
CA GLY B 36 6.92 -16.14 12.21
C GLY B 36 6.95 -14.83 13.00
N PRO B 37 6.50 -13.73 12.36
CA PRO B 37 6.48 -12.46 13.06
C PRO B 37 5.68 -12.56 14.36
N ALA B 38 6.12 -11.85 15.39
CA ALA B 38 5.37 -11.88 16.63
C ALA B 38 4.04 -11.19 16.42
N ALA B 39 2.97 -11.72 17.00
CA ALA B 39 1.73 -11.04 16.89
C ALA B 39 0.95 -11.15 18.20
N GLY B 40 0.18 -10.12 18.48
CA GLY B 40 -0.62 -10.09 19.71
C GLY B 40 -1.20 -8.72 19.92
N GLY B 41 -2.32 -8.66 20.66
CA GLY B 41 -2.93 -7.33 20.80
C GLY B 41 -2.25 -6.29 21.69
N THR B 42 -2.95 -5.12 21.67
CA THR B 42 -2.54 -3.98 22.44
C THR B 42 -3.51 -3.82 23.62
N ARG B 43 -2.99 -3.91 24.83
CA ARG B 43 -3.74 -3.77 26.06
C ARG B 43 -3.41 -2.39 26.57
N ALA B 44 -4.42 -1.62 26.91
CA ALA B 44 -4.18 -0.29 27.41
C ALA B 44 -4.86 -0.21 28.78
N ALA B 45 -4.08 0.05 29.80
CA ALA B 45 -4.68 0.11 31.10
C ALA B 45 -3.77 0.86 32.06
N GLN B 46 -4.28 1.07 33.28
CA GLN B 46 -3.48 1.74 34.29
C GLN B 46 -2.73 0.73 35.13
N TYR B 47 -1.48 1.04 35.42
CA TYR B 47 -0.68 0.14 36.26
C TYR B 47 -0.09 0.95 37.41
N SER B 48 0.07 0.32 38.57
CA SER B 48 0.66 0.93 39.78
C SER B 48 2.09 1.31 39.54
N GLN B 49 2.82 0.40 38.91
CA GLN B 49 4.23 0.54 38.63
C GLN B 49 4.55 0.00 37.27
N LEU B 50 5.58 0.61 36.64
CA LEU B 50 5.98 0.17 35.33
C LEU B 50 6.32 -1.32 35.32
N ALA B 51 6.90 -1.76 36.42
CA ALA B 51 7.26 -3.14 36.57
C ALA B 51 6.06 -4.07 36.26
N ASP B 52 4.88 -3.64 36.70
CA ASP B 52 3.68 -4.43 36.46
C ASP B 52 3.33 -4.50 34.95
N ALA B 53 3.52 -3.38 34.28
CA ALA B 53 3.19 -3.26 32.84
C ALA B 53 4.16 -4.13 32.08
N LEU B 54 5.45 -4.09 32.48
CA LEU B 54 6.46 -4.92 31.87
C LEU B 54 6.14 -6.43 32.11
N THR B 55 5.81 -6.71 33.33
CA THR B 55 5.48 -8.08 33.70
C THR B 55 4.33 -8.60 32.88
N ASP B 56 3.26 -7.83 32.83
CA ASP B 56 2.06 -8.25 32.09
C ASP B 56 2.37 -8.49 30.64
N ALA B 57 3.14 -7.53 30.07
CA ALA B 57 3.47 -7.65 28.60
C ALA B 57 4.21 -8.94 28.31
N GLY B 58 5.10 -9.34 29.20
CA GLY B 58 5.85 -10.55 28.91
C GLY B 58 4.96 -11.79 29.09
N LYS B 59 4.14 -11.76 30.14
CA LYS B 59 3.23 -12.90 30.37
C LYS B 59 2.23 -13.05 29.19
N LEU B 60 1.70 -11.93 28.75
CA LEU B 60 0.77 -11.95 27.62
C LEU B 60 1.45 -12.35 26.35
N ALA B 61 2.67 -11.85 26.13
CA ALA B 61 3.44 -12.20 24.94
C ALA B 61 3.75 -13.69 24.92
N GLY B 62 4.20 -14.25 26.08
CA GLY B 62 4.50 -15.68 26.13
C GLY B 62 3.23 -16.48 25.84
N ALA B 63 2.07 -16.01 26.38
CA ALA B 63 0.82 -16.70 26.12
C ALA B 63 0.53 -16.71 24.62
N MET B 64 0.81 -15.58 23.93
CA MET B 64 0.57 -15.49 22.47
C MET B 64 1.42 -16.51 21.73
N THR B 65 2.72 -16.66 22.12
CA THR B 65 3.57 -17.62 21.46
C THR B 65 2.94 -19.01 21.58
N LEU B 66 2.51 -19.36 22.79
CA LEU B 66 1.87 -20.68 23.05
C LEU B 66 0.58 -20.87 22.29
N LYS B 67 -0.20 -19.83 22.29
CA LYS B 67 -1.47 -19.82 21.59
C LYS B 67 -1.25 -20.08 20.07
N MET B 68 -0.34 -19.36 19.43
CA MET B 68 -0.13 -19.58 17.98
C MET B 68 0.37 -20.99 17.77
N ALA B 69 1.31 -21.41 18.63
CA ALA B 69 1.93 -22.72 18.55
C ALA B 69 0.93 -23.84 18.58
N VAL B 70 0.15 -23.82 19.64
CA VAL B 70 -0.85 -24.89 19.88
C VAL B 70 -2.02 -24.85 18.91
N SER B 71 -2.27 -23.68 18.34
CA SER B 71 -3.39 -23.47 17.43
C SER B 71 -3.00 -23.68 15.98
N ASN B 72 -1.77 -24.14 15.78
CA ASN B 72 -1.34 -24.37 14.41
C ASN B 72 -1.40 -23.14 13.51
N LEU B 73 -1.09 -21.93 14.07
CA LEU B 73 -1.09 -20.68 13.29
C LEU B 73 0.38 -20.31 13.05
N PRO B 74 0.69 -19.88 11.87
CA PRO B 74 2.08 -19.55 11.51
C PRO B 74 2.55 -18.20 11.99
N MET B 75 2.52 -17.94 13.33
CA MET B 75 3.00 -16.64 13.76
C MET B 75 3.66 -16.82 15.11
N GLY B 76 4.51 -15.87 15.44
CA GLY B 76 5.22 -15.83 16.70
C GLY B 76 4.31 -15.11 17.69
N GLY B 77 4.80 -14.89 18.91
CA GLY B 77 3.94 -14.24 19.94
C GLY B 77 4.54 -12.93 20.48
N GLY B 78 3.70 -11.89 20.55
CA GLY B 78 4.10 -10.59 21.04
C GLY B 78 2.86 -9.95 21.69
N LYS B 79 3.07 -8.84 22.35
CA LYS B 79 1.95 -8.14 22.98
C LYS B 79 2.43 -6.75 23.31
N SER B 80 1.50 -5.80 23.27
CA SER B 80 1.82 -4.42 23.62
C SER B 80 0.99 -4.10 24.84
N VAL B 81 1.59 -3.31 25.72
CA VAL B 81 0.92 -2.80 26.92
C VAL B 81 1.21 -1.30 26.92
N ILE B 82 0.12 -0.52 26.96
CA ILE B 82 0.21 0.92 27.05
C ILE B 82 -0.24 1.23 28.46
N ALA B 83 0.72 1.70 29.27
CA ALA B 83 0.49 2.06 30.67
C ALA B 83 -0.02 3.46 30.69
N LEU B 84 -1.32 3.53 30.95
CA LEU B 84 -2.01 4.79 30.94
C LEU B 84 -1.79 5.63 32.18
N PRO B 85 -1.85 6.96 31.95
CA PRO B 85 -1.68 7.93 33.04
C PRO B 85 -2.98 8.24 33.78
N ALA B 86 -4.04 7.61 33.36
CA ALA B 86 -5.34 7.82 33.93
C ALA B 86 -6.21 6.72 33.41
N PRO B 87 -7.38 6.59 34.01
CA PRO B 87 -8.30 5.58 33.58
C PRO B 87 -8.64 5.79 32.15
N ARG B 88 -8.74 4.69 31.42
CA ARG B 88 -9.01 4.74 30.00
C ARG B 88 -10.12 5.70 29.61
N HIS B 89 -11.20 5.54 30.33
CA HIS B 89 -12.40 6.33 30.16
C HIS B 89 -12.17 7.81 30.41
N SER B 90 -11.20 8.10 31.25
CA SER B 90 -10.89 9.45 31.59
C SER B 90 -9.93 10.09 30.62
N ILE B 91 -9.37 9.31 29.70
CA ILE B 91 -8.43 9.87 28.74
C ILE B 91 -9.15 10.71 27.69
N ASP B 92 -8.67 11.94 27.46
CA ASP B 92 -9.35 12.73 26.46
C ASP B 92 -9.01 12.25 25.05
N PRO B 93 -9.89 12.57 24.12
CA PRO B 93 -9.72 12.15 22.73
C PRO B 93 -8.38 12.49 22.12
N SER B 94 -8.00 13.73 22.30
CA SER B 94 -6.78 14.20 21.76
C SER B 94 -5.57 13.44 22.34
N THR B 95 -5.65 13.16 23.62
CA THR B 95 -4.57 12.43 24.28
C THR B 95 -4.51 11.00 23.77
N TRP B 96 -5.67 10.39 23.68
CA TRP B 96 -5.73 9.03 23.19
C TRP B 96 -5.17 8.91 21.77
N ALA B 97 -5.53 9.89 20.96
CA ALA B 97 -5.08 9.90 19.59
C ALA B 97 -3.52 9.98 19.50
N ARG B 98 -2.89 10.82 20.33
CA ARG B 98 -1.45 10.93 20.31
C ARG B 98 -0.85 9.64 20.77
N ILE B 99 -1.47 9.06 21.79
CA ILE B 99 -0.99 7.78 22.33
C ILE B 99 -0.94 6.75 21.21
N LEU B 100 -2.04 6.64 20.47
CA LEU B 100 -2.07 5.67 19.38
C LEU B 100 -1.03 6.02 18.33
N ARG B 101 -0.91 7.29 18.02
CA ARG B 101 0.10 7.67 17.06
C ARG B 101 1.50 7.20 17.42
N ILE B 102 1.86 7.45 18.68
CA ILE B 102 3.19 7.05 19.17
C ILE B 102 3.36 5.52 19.16
N HIS B 103 2.30 4.83 19.62
CA HIS B 103 2.32 3.38 19.61
C HIS B 103 2.56 2.86 18.20
N ALA B 104 1.86 3.44 17.21
CA ALA B 104 2.05 3.05 15.79
C ALA B 104 3.50 3.26 15.30
N GLU B 105 4.11 4.40 15.71
CA GLU B 105 5.49 4.69 15.32
C GLU B 105 6.41 3.61 15.85
N ASN B 106 6.15 3.14 17.09
CA ASN B 106 6.95 2.09 17.70
C ASN B 106 6.84 0.78 16.95
N ILE B 107 5.58 0.42 16.69
CA ILE B 107 5.34 -0.80 15.90
C ILE B 107 6.03 -0.67 14.55
N ASP B 108 5.91 0.50 13.92
CA ASP B 108 6.49 0.69 12.61
C ASP B 108 8.02 0.44 12.56
N LYS B 109 8.72 0.83 13.62
CA LYS B 109 10.17 0.64 13.67
C LYS B 109 10.54 -0.84 13.63
N LEU B 110 9.58 -1.67 14.08
CA LEU B 110 9.85 -3.12 14.09
C LEU B 110 9.64 -3.77 12.71
N SER B 111 9.26 -2.91 11.77
CA SER B 111 9.10 -3.27 10.37
C SER B 111 8.55 -4.64 10.06
N GLY B 112 7.42 -4.99 10.66
CA GLY B 112 6.87 -6.27 10.34
C GLY B 112 7.27 -7.40 11.25
N ASN B 113 8.17 -7.15 12.23
CA ASN B 113 8.55 -8.21 13.18
C ASN B 113 7.48 -8.40 14.27
N TYR B 114 6.59 -7.41 14.31
CA TYR B 114 5.43 -7.42 15.20
C TYR B 114 4.19 -6.88 14.50
N TRP B 115 3.09 -7.65 14.64
CA TRP B 115 1.77 -7.32 14.15
C TRP B 115 0.84 -7.21 15.40
N THR B 116 0.13 -6.11 15.49
CA THR B 116 -0.74 -5.87 16.61
C THR B 116 -2.18 -6.18 16.27
N GLY B 117 -3.00 -5.95 17.27
CA GLY B 117 -4.41 -6.20 17.21
C GLY B 117 -5.04 -5.62 18.49
N PRO B 118 -6.35 -5.80 18.64
CA PRO B 118 -7.02 -5.28 19.79
C PRO B 118 -6.82 -6.16 21.02
N ASP B 119 -7.03 -5.55 22.19
CA ASP B 119 -6.97 -6.21 23.47
C ASP B 119 -7.79 -5.35 24.42
N VAL B 120 -7.51 -5.47 25.70
CA VAL B 120 -8.25 -4.68 26.65
C VAL B 120 -8.09 -3.20 26.37
N ASN B 121 -9.24 -2.56 26.23
CA ASN B 121 -9.28 -1.12 26.02
C ASN B 121 -8.88 -0.62 24.68
N THR B 122 -8.73 -1.54 23.70
CA THR B 122 -8.44 -1.11 22.37
C THR B 122 -9.45 -1.77 21.44
N ASN B 123 -9.84 -1.10 20.36
CA ASN B 123 -10.86 -1.68 19.49
C ASN B 123 -10.55 -1.54 18.01
N SER B 124 -11.50 -1.96 17.18
CA SER B 124 -11.25 -1.89 15.75
C SER B 124 -11.02 -0.47 15.25
N ALA B 125 -11.74 0.50 15.85
CA ALA B 125 -11.52 1.85 15.47
C ALA B 125 -10.10 2.23 15.83
N ASP B 126 -9.60 1.74 17.00
CA ASP B 126 -8.22 2.08 17.38
C ASP B 126 -7.22 1.44 16.39
N MET B 127 -7.52 0.22 15.97
CA MET B 127 -6.68 -0.47 15.01
C MET B 127 -6.61 0.37 13.72
N ASP B 128 -7.77 0.85 13.31
CA ASP B 128 -7.81 1.67 12.10
C ASP B 128 -6.93 2.91 12.25
N THR B 129 -7.01 3.55 13.43
CA THR B 129 -6.22 4.75 13.68
C THR B 129 -4.74 4.39 13.60
N LEU B 130 -4.34 3.25 14.24
CA LEU B 130 -2.97 2.83 14.20
C LEU B 130 -2.57 2.66 12.76
N ASN B 131 -3.49 2.06 12.00
CA ASN B 131 -3.24 1.81 10.59
C ASN B 131 -3.01 3.05 9.74
N ASP B 132 -3.48 4.20 10.27
CA ASP B 132 -3.24 5.45 9.57
C ASP B 132 -1.75 5.75 9.54
N THR B 133 -0.97 5.05 10.39
CA THR B 133 0.47 5.29 10.49
C THR B 133 1.33 4.10 10.22
N THR B 134 0.85 2.89 10.49
CA THR B 134 1.66 1.70 10.30
C THR B 134 0.90 0.58 9.65
N GLU B 135 1.58 -0.15 8.83
CA GLU B 135 0.90 -1.23 8.18
C GLU B 135 0.62 -2.46 9.06
N PHE B 136 1.44 -2.67 10.10
CA PHE B 136 1.37 -3.91 10.88
C PHE B 136 0.30 -4.07 11.94
N VAL B 137 -0.94 -4.05 11.46
CA VAL B 137 -2.11 -4.11 12.31
C VAL B 137 -3.20 -5.02 11.80
N PHE B 138 -3.59 -5.94 12.66
CA PHE B 138 -4.70 -6.83 12.40
C PHE B 138 -5.92 -6.30 13.15
N GLY B 139 -7.14 -6.71 12.76
CA GLY B 139 -8.30 -6.25 13.54
C GLY B 139 -8.84 -4.88 13.17
N ARG B 140 -8.42 -4.37 12.01
CA ARG B 140 -8.96 -3.12 11.50
C ARG B 140 -10.45 -3.43 11.16
N SER B 141 -11.25 -2.38 11.06
CA SER B 141 -12.66 -2.55 10.74
C SER B 141 -12.77 -3.22 9.38
N LEU B 142 -13.91 -3.88 9.13
CA LEU B 142 -14.11 -4.51 7.83
C LEU B 142 -13.93 -3.44 6.75
N GLU B 143 -14.46 -2.27 7.06
CA GLU B 143 -14.42 -1.11 6.15
C GLU B 143 -13.00 -0.68 5.79
N ARG B 144 -12.07 -0.87 6.73
CA ARG B 144 -10.69 -0.49 6.48
C ARG B 144 -9.85 -1.66 5.93
N GLY B 145 -10.46 -2.83 5.78
CA GLY B 145 -9.68 -3.92 5.26
C GLY B 145 -9.33 -5.02 6.22
N GLY B 146 -9.70 -4.86 7.49
CA GLY B 146 -9.35 -5.88 8.43
C GLY B 146 -10.49 -6.88 8.56
N ALA B 147 -10.35 -7.75 9.53
CA ALA B 147 -11.35 -8.81 9.80
C ALA B 147 -12.43 -8.31 10.77
N GLY B 148 -12.28 -7.12 11.33
CA GLY B 148 -13.28 -6.64 12.27
C GLY B 148 -13.15 -7.37 13.61
N SER B 149 -14.26 -7.43 14.34
CA SER B 149 -14.32 -8.04 15.65
C SER B 149 -14.03 -9.54 15.69
N SER B 150 -13.25 -9.96 16.66
CA SER B 150 -12.99 -11.37 16.79
C SER B 150 -13.71 -11.95 18.03
N ALA B 151 -14.49 -11.10 18.71
CA ALA B 151 -15.20 -11.46 19.94
C ALA B 151 -16.04 -12.71 19.86
N PHE B 152 -16.91 -12.73 18.84
CA PHE B 152 -17.76 -13.89 18.69
C PHE B 152 -16.91 -15.14 18.48
N THR B 153 -15.90 -15.04 17.60
CA THR B 153 -15.06 -16.20 17.35
C THR B 153 -14.41 -16.71 18.66
N THR B 154 -13.92 -15.78 19.47
CA THR B 154 -13.31 -16.17 20.71
C THR B 154 -14.35 -16.89 21.60
N ALA B 155 -15.57 -16.32 21.64
CA ALA B 155 -16.66 -16.90 22.43
C ALA B 155 -16.91 -18.33 21.97
N VAL B 156 -16.98 -18.51 20.63
CA VAL B 156 -17.22 -19.88 20.15
C VAL B 156 -16.14 -20.85 20.64
N GLY B 157 -14.89 -20.39 20.55
CA GLY B 157 -13.76 -21.24 20.94
C GLY B 157 -13.85 -21.59 22.44
N VAL B 158 -14.14 -20.56 23.23
CA VAL B 158 -14.22 -20.78 24.67
C VAL B 158 -15.38 -21.75 25.00
N PHE B 159 -16.48 -21.56 24.30
CA PHE B 159 -17.67 -22.43 24.53
C PHE B 159 -17.39 -23.90 24.21
N GLU B 160 -16.73 -24.10 23.05
CA GLU B 160 -16.39 -25.46 22.65
C GLU B 160 -15.41 -25.98 23.66
N ALA B 161 -14.45 -25.09 24.06
CA ALA B 161 -13.48 -25.51 25.10
C ALA B 161 -14.23 -26.00 26.32
N MET B 162 -15.19 -25.19 26.75
CA MET B 162 -15.98 -25.53 27.93
C MET B 162 -16.73 -26.85 27.74
N LYS B 163 -17.30 -27.05 26.55
CA LYS B 163 -18.02 -28.32 26.34
C LYS B 163 -17.10 -29.51 26.39
N ALA B 164 -15.90 -29.38 25.79
CA ALA B 164 -14.97 -30.48 25.79
C ALA B 164 -14.50 -30.80 27.21
N THR B 165 -14.30 -29.74 27.98
CA THR B 165 -13.83 -29.89 29.34
C THR B 165 -14.87 -30.57 30.26
N VAL B 166 -16.10 -30.08 30.12
CA VAL B 166 -17.22 -30.63 30.87
C VAL B 166 -17.35 -32.10 30.57
N ALA B 167 -17.23 -32.44 29.27
CA ALA B 167 -17.35 -33.83 28.95
C ALA B 167 -16.22 -34.68 29.52
N HIS B 168 -15.01 -34.15 29.45
CA HIS B 168 -13.88 -34.92 29.92
C HIS B 168 -13.90 -35.10 31.42
N ARG B 169 -14.46 -34.11 32.12
CA ARG B 169 -14.56 -34.09 33.55
C ARG B 169 -15.64 -35.08 34.00
N GLY B 170 -16.40 -35.66 33.03
CA GLY B 170 -17.46 -36.64 33.37
C GLY B 170 -18.82 -36.02 33.71
N LEU B 171 -19.05 -34.74 33.37
CA LEU B 171 -20.31 -34.06 33.66
C LEU B 171 -21.33 -34.17 32.52
N GLY B 172 -20.91 -34.85 31.45
CA GLY B 172 -21.80 -35.01 30.31
C GLY B 172 -21.86 -33.73 29.48
N SER B 173 -23.01 -33.09 29.45
CA SER B 173 -23.13 -31.86 28.64
C SER B 173 -23.45 -30.69 29.54
N LEU B 174 -23.47 -29.49 28.98
CA LEU B 174 -23.77 -28.28 29.71
C LEU B 174 -25.19 -28.24 30.24
N ASP B 175 -26.05 -29.02 29.56
CA ASP B 175 -27.42 -29.03 29.98
C ASP B 175 -27.54 -29.35 31.49
N GLY B 176 -28.22 -28.49 32.26
CA GLY B 176 -28.37 -28.73 33.66
C GLY B 176 -27.17 -28.40 34.54
N LEU B 177 -26.19 -27.69 33.97
CA LEU B 177 -25.01 -27.33 34.71
C LEU B 177 -25.11 -25.88 35.09
N THR B 178 -24.45 -25.52 36.19
CA THR B 178 -24.45 -24.12 36.58
C THR B 178 -23.09 -23.57 36.14
N VAL B 179 -23.17 -22.50 35.34
CA VAL B 179 -21.97 -21.87 34.86
C VAL B 179 -21.90 -20.44 35.36
N LEU B 180 -20.83 -20.08 36.03
CA LEU B 180 -20.61 -18.74 36.55
C LEU B 180 -19.70 -17.98 35.57
N VAL B 181 -20.28 -17.01 34.82
CA VAL B 181 -19.49 -16.21 33.88
C VAL B 181 -19.04 -14.93 34.57
N GLN B 182 -17.75 -14.77 34.69
CA GLN B 182 -17.21 -13.58 35.32
C GLN B 182 -16.76 -12.63 34.24
N GLY B 183 -17.57 -11.58 34.01
CA GLY B 183 -17.26 -10.63 32.97
C GLY B 183 -18.27 -10.85 31.86
N LEU B 184 -19.12 -9.84 31.69
CA LEU B 184 -20.16 -9.87 30.68
C LEU B 184 -19.83 -8.97 29.49
N GLY B 185 -18.57 -8.97 29.15
CA GLY B 185 -18.15 -8.19 28.05
C GLY B 185 -18.59 -8.82 26.73
N ALA B 186 -17.92 -8.34 25.72
CA ALA B 186 -18.20 -8.81 24.38
C ALA B 186 -18.14 -10.33 24.24
N VAL B 187 -17.06 -10.89 24.76
CA VAL B 187 -16.86 -12.34 24.73
C VAL B 187 -17.71 -13.07 25.79
N GLY B 188 -17.59 -12.64 27.06
CA GLY B 188 -18.36 -13.26 28.14
C GLY B 188 -19.87 -13.22 27.87
N GLY B 189 -20.36 -12.10 27.34
CA GLY B 189 -21.78 -12.00 27.03
C GLY B 189 -22.21 -13.07 26.04
N SER B 190 -21.44 -13.22 24.97
CA SER B 190 -21.73 -14.22 23.96
C SER B 190 -21.58 -15.61 24.50
N LEU B 191 -20.57 -15.81 25.37
CA LEU B 191 -20.35 -17.12 25.95
C LEU B 191 -21.57 -17.53 26.77
N ALA B 192 -22.07 -16.60 27.57
CA ALA B 192 -23.23 -16.85 28.41
C ALA B 192 -24.45 -17.26 27.58
N SER B 193 -24.64 -16.51 26.50
CA SER B 193 -25.75 -16.75 25.63
C SER B 193 -25.70 -18.18 25.11
N LEU B 194 -24.49 -18.54 24.68
CA LEU B 194 -24.23 -19.87 24.12
C LEU B 194 -24.43 -20.98 25.14
N ALA B 195 -23.93 -20.77 26.36
CA ALA B 195 -24.10 -21.80 27.34
C ALA B 195 -25.55 -21.90 27.78
N ALA B 196 -26.26 -20.78 27.80
CA ALA B 196 -27.66 -20.78 28.23
C ALA B 196 -28.47 -21.52 27.18
N GLU B 197 -28.14 -21.29 25.95
CA GLU B 197 -28.81 -21.98 24.88
C GLU B 197 -28.60 -23.49 25.02
N ALA B 198 -27.36 -23.88 25.41
CA ALA B 198 -26.99 -25.29 25.64
C ALA B 198 -27.69 -25.96 26.84
N GLY B 199 -28.41 -25.18 27.63
CA GLY B 199 -29.15 -25.69 28.78
C GLY B 199 -28.56 -25.38 30.15
N ALA B 200 -27.48 -24.60 30.18
CA ALA B 200 -26.88 -24.29 31.47
C ALA B 200 -27.64 -23.17 32.17
N GLN B 201 -27.50 -23.12 33.48
CA GLN B 201 -28.06 -22.07 34.28
C GLN B 201 -26.88 -21.17 34.50
N LEU B 202 -27.06 -19.90 34.15
CA LEU B 202 -25.99 -18.92 34.25
C LEU B 202 -26.06 -18.00 35.46
N LEU B 203 -24.91 -17.95 36.16
CA LEU B 203 -24.64 -17.07 37.27
C LEU B 203 -23.69 -16.05 36.64
N VAL B 204 -23.95 -14.77 36.83
CA VAL B 204 -23.15 -13.77 36.18
C VAL B 204 -22.71 -12.69 37.11
N ALA B 205 -21.55 -12.17 36.77
CA ALA B 205 -20.96 -11.08 37.53
C ALA B 205 -20.25 -10.12 36.60
N ASP B 206 -20.37 -8.84 36.92
CA ASP B 206 -19.75 -7.81 36.14
C ASP B 206 -19.70 -6.54 36.95
N THR B 207 -18.65 -5.78 36.74
CA THR B 207 -18.56 -4.54 37.47
C THR B 207 -19.55 -3.52 36.97
N ASP B 208 -20.05 -3.71 35.74
CA ASP B 208 -21.05 -2.84 35.17
C ASP B 208 -22.46 -3.29 35.55
N THR B 209 -23.14 -2.47 36.38
CA THR B 209 -24.49 -2.73 36.89
C THR B 209 -25.53 -3.09 35.82
N GLU B 210 -25.56 -2.21 34.85
CA GLU B 210 -26.45 -2.31 33.74
C GLU B 210 -26.27 -3.64 33.04
N ARG B 211 -24.99 -4.00 32.82
CA ARG B 211 -24.71 -5.27 32.20
C ARG B 211 -25.37 -6.40 32.97
N VAL B 212 -25.15 -6.38 34.28
CA VAL B 212 -25.72 -7.39 35.11
C VAL B 212 -27.25 -7.37 35.08
N ALA B 213 -27.85 -6.17 35.15
CA ALA B 213 -29.29 -6.09 35.17
C ALA B 213 -29.86 -6.66 33.88
N HIS B 214 -29.13 -6.43 32.80
CA HIS B 214 -29.60 -6.92 31.52
C HIS B 214 -29.61 -8.44 31.48
N ALA B 215 -28.57 -9.01 32.05
CA ALA B 215 -28.40 -10.46 32.10
C ALA B 215 -29.54 -11.06 32.91
N VAL B 216 -29.81 -10.39 34.03
CA VAL B 216 -30.86 -10.78 34.91
C VAL B 216 -32.17 -10.67 34.14
N ALA B 217 -32.28 -9.57 33.39
CA ALA B 217 -33.48 -9.35 32.59
C ALA B 217 -33.71 -10.52 31.67
N LEU B 218 -32.60 -11.16 31.36
CA LEU B 218 -32.64 -12.31 30.50
C LEU B 218 -32.82 -13.63 31.22
N GLY B 219 -33.07 -13.59 32.52
CA GLY B 219 -33.28 -14.85 33.20
C GLY B 219 -32.06 -15.36 33.95
N HIS B 220 -30.92 -14.67 33.79
CA HIS B 220 -29.75 -15.09 34.50
C HIS B 220 -29.76 -14.58 35.93
N THR B 221 -28.83 -15.10 36.73
CA THR B 221 -28.75 -14.72 38.13
C THR B 221 -27.46 -14.00 38.44
N ALA B 222 -27.60 -12.86 39.10
CA ALA B 222 -26.44 -12.05 39.46
C ALA B 222 -25.71 -12.67 40.64
N VAL B 223 -24.40 -12.43 40.66
CA VAL B 223 -23.50 -12.86 41.73
C VAL B 223 -22.75 -11.61 42.15
N ALA B 224 -22.82 -11.24 43.43
CA ALA B 224 -22.10 -10.05 43.87
C ALA B 224 -20.60 -10.26 43.68
N LEU B 225 -19.89 -9.18 43.35
CA LEU B 225 -18.49 -9.23 43.09
C LEU B 225 -17.71 -9.92 44.18
N GLU B 226 -18.05 -9.55 45.40
CA GLU B 226 -17.34 -10.14 46.51
C GLU B 226 -17.69 -11.61 46.72
N ASP B 227 -18.62 -12.14 45.93
CA ASP B 227 -19.02 -13.51 46.12
C ASP B 227 -18.60 -14.41 45.00
N VAL B 228 -18.07 -13.80 43.99
CA VAL B 228 -17.67 -14.54 42.82
C VAL B 228 -16.85 -15.81 43.03
N LEU B 229 -15.76 -15.64 43.74
CA LEU B 229 -14.85 -16.72 43.97
C LEU B 229 -15.24 -17.76 44.97
N SER B 230 -16.37 -17.54 45.64
CA SER B 230 -16.82 -18.47 46.67
C SER B 230 -18.17 -19.08 46.33
N THR B 231 -18.68 -18.70 45.16
CA THR B 231 -19.97 -19.16 44.73
C THR B 231 -19.94 -20.54 44.07
N PRO B 232 -20.69 -21.51 44.60
CA PRO B 232 -20.70 -22.83 44.03
C PRO B 232 -21.25 -22.86 42.63
N CYS B 233 -20.54 -23.57 41.76
CA CYS B 233 -20.97 -23.72 40.38
C CYS B 233 -20.33 -24.98 39.80
N ASP B 234 -20.80 -25.40 38.61
CA ASP B 234 -20.18 -26.54 37.99
C ASP B 234 -18.94 -26.05 37.24
N VAL B 235 -19.14 -24.95 36.48
CA VAL B 235 -18.08 -24.37 35.71
C VAL B 235 -17.93 -22.92 36.08
N PHE B 236 -16.67 -22.54 36.21
CA PHE B 236 -16.29 -21.19 36.49
C PHE B 236 -15.64 -20.70 35.22
N ALA B 237 -16.20 -19.62 34.68
CA ALA B 237 -15.75 -19.08 33.41
C ALA B 237 -15.24 -17.63 33.53
N PRO B 238 -13.93 -17.55 33.80
CA PRO B 238 -13.30 -16.23 33.93
C PRO B 238 -13.17 -15.53 32.57
N CYS B 239 -13.94 -14.48 32.38
CA CYS B 239 -13.91 -13.74 31.15
C CYS B 239 -13.67 -12.25 31.38
N ALA B 240 -12.98 -11.96 32.47
CA ALA B 240 -12.63 -10.57 32.84
C ALA B 240 -11.10 -10.45 32.87
N MET B 241 -10.54 -10.06 34.01
CA MET B 241 -9.08 -9.93 34.07
C MET B 241 -8.36 -11.25 34.27
N GLY B 242 -7.04 -11.23 34.02
CA GLY B 242 -6.18 -12.38 34.23
C GLY B 242 -5.71 -12.44 35.72
N GLY B 243 -4.89 -13.45 36.10
CA GLY B 243 -4.38 -13.61 37.45
C GLY B 243 -5.45 -13.90 38.51
N VAL B 244 -6.63 -14.36 38.09
CA VAL B 244 -7.72 -14.61 39.02
C VAL B 244 -7.50 -15.78 39.96
N ILE B 245 -6.86 -16.75 39.43
CA ILE B 245 -6.59 -17.98 40.16
C ILE B 245 -5.23 -18.03 40.81
N THR B 246 -5.21 -17.45 42.02
CA THR B 246 -4.03 -17.48 42.85
C THR B 246 -4.08 -18.82 43.58
N THR B 247 -3.04 -19.17 44.36
CA THR B 247 -3.06 -20.43 45.09
C THR B 247 -4.25 -20.48 46.04
N GLU B 248 -4.49 -19.41 46.79
CA GLU B 248 -5.58 -19.38 47.72
C GLU B 248 -6.93 -19.51 46.99
N VAL B 249 -7.04 -18.90 45.82
CA VAL B 249 -8.30 -19.03 45.10
C VAL B 249 -8.51 -20.48 44.71
N ALA B 250 -7.41 -21.09 44.23
CA ALA B 250 -7.41 -22.47 43.75
C ALA B 250 -7.82 -23.42 44.86
N ARG B 251 -7.45 -23.06 46.10
CA ARG B 251 -7.74 -23.88 47.25
C ARG B 251 -9.18 -23.84 47.66
N THR B 252 -9.84 -22.76 47.33
CA THR B 252 -11.23 -22.52 47.74
C THR B 252 -12.32 -22.48 46.66
N LEU B 253 -11.96 -22.45 45.37
CA LEU B 253 -12.95 -22.44 44.32
C LEU B 253 -13.87 -23.67 44.49
N ASP B 254 -15.16 -23.46 44.33
CA ASP B 254 -16.14 -24.53 44.53
C ASP B 254 -16.81 -24.85 43.20
N CYS B 255 -16.07 -25.53 42.34
CA CYS B 255 -16.58 -25.89 41.04
C CYS B 255 -15.84 -27.16 40.61
N SER B 256 -16.15 -27.68 39.41
CA SER B 256 -15.43 -28.82 38.95
C SER B 256 -14.67 -28.56 37.63
N VAL B 257 -14.93 -27.43 36.99
CA VAL B 257 -14.28 -27.08 35.74
C VAL B 257 -14.03 -25.58 35.71
N VAL B 258 -12.88 -25.18 35.14
CA VAL B 258 -12.54 -23.77 34.94
C VAL B 258 -12.31 -23.66 33.42
N ALA B 259 -13.10 -22.84 32.75
CA ALA B 259 -12.95 -22.68 31.29
C ALA B 259 -13.49 -21.31 30.93
N GLY B 260 -12.58 -20.42 30.54
CA GLY B 260 -13.04 -19.08 30.20
C GLY B 260 -12.19 -18.37 29.12
N ALA B 261 -12.48 -17.09 28.93
CA ALA B 261 -11.75 -16.35 27.92
C ALA B 261 -10.55 -15.57 28.41
N ALA B 262 -10.47 -15.31 29.74
CA ALA B 262 -9.38 -14.51 30.22
C ALA B 262 -7.99 -15.02 29.87
N ASN B 263 -7.09 -14.04 29.66
CA ASN B 263 -5.72 -14.34 29.41
C ASN B 263 -4.98 -14.47 30.75
N ASN B 264 -4.01 -15.39 30.83
CA ASN B 264 -3.18 -15.54 32.05
C ASN B 264 -4.06 -15.66 33.30
N VAL B 265 -4.98 -16.59 33.25
CA VAL B 265 -5.95 -16.87 34.30
C VAL B 265 -5.30 -17.29 35.60
N ILE B 266 -4.27 -18.16 35.48
CA ILE B 266 -3.52 -18.75 36.61
C ILE B 266 -2.41 -17.84 37.10
N ALA B 267 -2.40 -17.53 38.41
CA ALA B 267 -1.37 -16.63 38.99
C ALA B 267 0.03 -17.19 39.14
N ASP B 268 0.15 -18.50 39.41
CA ASP B 268 1.42 -19.22 39.54
C ASP B 268 1.19 -20.69 39.35
N GLU B 269 2.28 -21.39 39.13
CA GLU B 269 2.21 -22.81 38.90
C GLU B 269 1.58 -23.57 40.04
N ALA B 270 1.83 -23.08 41.27
CA ALA B 270 1.27 -23.78 42.42
C ALA B 270 -0.24 -23.90 42.32
N ALA B 271 -0.88 -22.80 41.85
CA ALA B 271 -2.33 -22.71 41.63
C ALA B 271 -2.81 -23.81 40.67
N SER B 272 -2.07 -23.93 39.55
CA SER B 272 -2.39 -24.96 38.60
C SER B 272 -2.38 -26.37 39.23
N ASP B 273 -1.37 -26.65 40.04
CA ASP B 273 -1.27 -27.95 40.72
C ASP B 273 -2.43 -28.19 41.68
N ILE B 274 -2.82 -27.15 42.45
CA ILE B 274 -3.90 -27.28 43.38
C ILE B 274 -5.21 -27.68 42.71
N LEU B 275 -5.52 -26.95 41.63
CA LEU B 275 -6.71 -27.23 40.86
C LEU B 275 -6.71 -28.69 40.49
N HIS B 276 -5.61 -29.13 39.89
CA HIS B 276 -5.45 -30.50 39.47
C HIS B 276 -5.70 -31.43 40.65
N ALA B 277 -5.03 -31.13 41.74
CA ALA B 277 -5.17 -31.94 42.91
C ALA B 277 -6.58 -31.98 43.43
N ARG B 278 -7.25 -30.87 43.34
CA ARG B 278 -8.62 -30.75 43.80
C ARG B 278 -9.69 -31.32 42.89
N GLY B 279 -9.28 -31.87 41.76
CA GLY B 279 -10.28 -32.44 40.85
C GLY B 279 -11.05 -31.40 40.07
N ILE B 280 -10.46 -30.21 39.92
CA ILE B 280 -11.11 -29.15 39.14
C ILE B 280 -10.39 -29.15 37.77
N LEU B 281 -11.10 -29.53 36.71
CA LEU B 281 -10.43 -29.62 35.43
C LEU B 281 -10.33 -28.24 34.76
N TYR B 282 -9.10 -27.77 34.52
CA TYR B 282 -8.93 -26.46 33.91
C TYR B 282 -8.61 -26.57 32.42
N ALA B 283 -9.30 -25.79 31.60
CA ALA B 283 -9.01 -25.75 30.19
C ALA B 283 -7.99 -24.61 30.02
N PRO B 284 -6.74 -24.93 29.68
CA PRO B 284 -5.72 -23.84 29.56
C PRO B 284 -6.13 -22.65 28.68
N ASP B 285 -6.01 -21.48 29.31
CA ASP B 285 -6.39 -20.23 28.69
C ASP B 285 -5.92 -20.07 27.24
N PHE B 286 -4.61 -20.27 27.06
CA PHE B 286 -4.00 -20.09 25.76
C PHE B 286 -4.53 -21.01 24.67
N VAL B 287 -5.20 -22.08 25.12
CA VAL B 287 -5.79 -23.02 24.20
C VAL B 287 -7.23 -22.56 24.01
N ALA B 288 -7.92 -22.38 25.10
CA ALA B 288 -9.32 -22.06 25.09
C ALA B 288 -9.74 -20.76 24.45
N ASN B 289 -8.89 -19.74 24.60
CA ASN B 289 -9.28 -18.44 24.09
C ASN B 289 -8.70 -18.09 22.75
N ALA B 290 -8.10 -19.07 22.14
CA ALA B 290 -7.41 -18.92 20.85
C ALA B 290 -8.28 -18.47 19.67
N GLY B 291 -9.60 -18.47 19.87
CA GLY B 291 -10.46 -18.10 18.78
C GLY B 291 -10.18 -16.73 18.18
N GLY B 292 -9.79 -15.78 19.02
CA GLY B 292 -9.48 -14.45 18.58
C GLY B 292 -8.35 -14.48 17.60
N ALA B 293 -7.29 -15.18 17.97
CA ALA B 293 -6.08 -15.31 17.12
C ALA B 293 -6.41 -16.08 15.85
N ILE B 294 -7.20 -17.15 15.98
CA ILE B 294 -7.55 -17.91 14.77
C ILE B 294 -8.32 -17.00 13.80
N HIS B 295 -9.21 -16.14 14.32
CA HIS B 295 -10.00 -15.24 13.51
C HIS B 295 -9.10 -14.24 12.73
N LEU B 296 -8.29 -13.56 13.48
CA LEU B 296 -7.41 -12.53 12.88
C LEU B 296 -6.36 -13.10 11.97
N VAL B 297 -5.60 -14.09 12.47
CA VAL B 297 -4.57 -14.68 11.63
C VAL B 297 -5.19 -15.45 10.48
N GLY B 298 -6.18 -16.27 10.81
CA GLY B 298 -6.85 -17.06 9.79
C GLY B 298 -7.39 -16.18 8.68
N ARG B 299 -8.12 -15.14 9.05
CA ARG B 299 -8.67 -14.27 8.07
C ARG B 299 -7.67 -13.38 7.36
N GLU B 300 -6.87 -12.69 8.13
CA GLU B 300 -5.99 -11.69 7.58
C GLU B 300 -4.70 -12.18 7.02
N VAL B 301 -4.22 -13.30 7.52
CA VAL B 301 -2.96 -13.83 7.05
C VAL B 301 -3.16 -15.01 6.07
N LEU B 302 -4.15 -15.86 6.37
CA LEU B 302 -4.39 -17.05 5.59
C LEU B 302 -5.52 -16.95 4.63
N GLY B 303 -6.24 -15.83 4.69
CA GLY B 303 -7.37 -15.58 3.82
C GLY B 303 -8.55 -16.48 4.06
N TRP B 304 -8.63 -17.03 5.25
CA TRP B 304 -9.75 -17.91 5.61
C TRP B 304 -11.08 -17.15 5.71
N SER B 305 -12.18 -17.78 5.29
CA SER B 305 -13.46 -17.17 5.33
C SER B 305 -13.97 -17.19 6.77
N GLU B 306 -15.05 -16.46 7.02
CA GLU B 306 -15.61 -16.48 8.35
C GLU B 306 -16.03 -17.88 8.84
N SER B 307 -16.66 -18.63 7.95
CA SER B 307 -17.11 -19.97 8.24
C SER B 307 -15.96 -20.83 8.66
N VAL B 308 -14.85 -20.71 7.91
CA VAL B 308 -13.68 -21.55 8.20
C VAL B 308 -13.11 -21.22 9.56
N VAL B 309 -12.94 -19.94 9.80
CA VAL B 309 -12.43 -19.52 11.10
C VAL B 309 -13.35 -20.02 12.26
N HIS B 310 -14.67 -20.01 12.01
CA HIS B 310 -15.57 -20.53 13.07
C HIS B 310 -15.28 -22.00 13.30
N GLU B 311 -15.15 -22.72 12.20
CA GLU B 311 -14.85 -24.13 12.22
C GLU B 311 -13.60 -24.45 13.02
N ARG B 312 -12.55 -23.67 12.72
CA ARG B 312 -11.27 -23.84 13.38
C ARG B 312 -11.45 -23.48 14.84
N ALA B 313 -12.24 -22.43 15.10
CA ALA B 313 -12.43 -22.12 16.54
C ALA B 313 -13.10 -23.29 17.24
N VAL B 314 -14.00 -23.95 16.51
CA VAL B 314 -14.67 -25.09 17.10
C VAL B 314 -13.65 -26.19 17.39
N ALA B 315 -12.65 -26.34 16.50
CA ALA B 315 -11.68 -27.39 16.72
C ALA B 315 -10.84 -27.24 18.00
N ILE B 316 -11.03 -26.08 18.67
CA ILE B 316 -10.34 -25.89 19.92
C ILE B 316 -10.77 -27.04 20.87
N GLY B 317 -11.99 -27.52 20.72
CA GLY B 317 -12.43 -28.64 21.58
C GLY B 317 -11.53 -29.87 21.41
N ASP B 318 -11.26 -30.19 20.12
CA ASP B 318 -10.40 -31.31 19.81
C ASP B 318 -8.99 -31.09 20.38
N THR B 319 -8.46 -29.85 20.20
CA THR B 319 -7.13 -29.58 20.73
C THR B 319 -7.09 -29.86 22.25
N LEU B 320 -8.15 -29.37 22.95
CA LEU B 320 -8.24 -29.62 24.41
C LEU B 320 -8.33 -31.13 24.70
N ASN B 321 -9.09 -31.87 23.86
CA ASN B 321 -9.18 -33.33 24.13
C ASN B 321 -7.78 -33.92 24.08
N GLN B 322 -6.98 -33.38 23.12
CA GLN B 322 -5.59 -33.82 23.01
C GLN B 322 -4.80 -33.41 24.25
N VAL B 323 -5.12 -32.21 24.75
CA VAL B 323 -4.41 -31.73 25.92
C VAL B 323 -4.73 -32.63 27.11
N PHE B 324 -6.01 -32.91 27.28
CA PHE B 324 -6.44 -33.77 28.37
C PHE B 324 -5.83 -35.17 28.29
N GLU B 325 -5.73 -35.73 27.10
CA GLU B 325 -5.11 -37.04 26.96
C GLU B 325 -3.69 -37.08 27.49
N ILE B 326 -2.86 -36.06 27.13
CA ILE B 326 -1.50 -36.00 27.56
C ILE B 326 -1.47 -35.87 29.08
N SER B 327 -2.39 -35.02 29.57
CA SER B 327 -2.46 -34.80 31.03
C SER B 327 -2.68 -36.11 31.79
N ASP B 328 -3.65 -36.85 31.30
CA ASP B 328 -4.01 -38.12 31.86
C ASP B 328 -2.91 -39.14 31.71
N ASN B 329 -2.34 -39.22 30.51
CA ASN B 329 -1.29 -40.19 30.23
C ASN B 329 -0.01 -39.96 31.00
N ASP B 330 0.48 -38.75 30.92
CA ASP B 330 1.73 -38.42 31.58
C ASP B 330 1.58 -37.98 33.00
N GLY B 331 0.37 -37.83 33.46
CA GLY B 331 0.19 -37.39 34.82
C GLY B 331 0.78 -36.03 35.10
N VAL B 332 0.44 -35.07 34.25
CA VAL B 332 0.88 -33.68 34.43
C VAL B 332 -0.36 -32.80 34.40
N THR B 333 -0.26 -31.54 34.82
CA THR B 333 -1.41 -30.63 34.80
C THR B 333 -1.80 -30.31 33.33
N PRO B 334 -3.04 -29.83 33.16
CA PRO B 334 -3.49 -29.45 31.81
C PRO B 334 -2.57 -28.38 31.24
N ASP B 335 -2.12 -27.44 32.05
CA ASP B 335 -1.22 -26.41 31.49
C ASP B 335 0.07 -27.01 30.95
N GLU B 336 0.69 -27.91 31.73
CA GLU B 336 1.90 -28.56 31.30
C GLU B 336 1.63 -29.30 30.00
N ALA B 337 0.51 -30.05 30.00
CA ALA B 337 0.16 -30.85 28.86
C ALA B 337 -0.01 -29.98 27.63
N ALA B 338 -0.65 -28.83 27.80
CA ALA B 338 -0.88 -27.92 26.68
C ALA B 338 0.45 -27.37 26.17
N ARG B 339 1.39 -27.13 27.08
CA ARG B 339 2.70 -26.65 26.68
C ARG B 339 3.37 -27.76 25.90
N THR B 340 3.18 -28.98 26.35
CA THR B 340 3.77 -30.10 25.62
C THR B 340 3.20 -30.19 24.22
N LEU B 341 1.90 -30.06 24.11
CA LEU B 341 1.23 -30.15 22.80
C LEU B 341 1.69 -29.02 21.89
N ALA B 342 1.83 -27.86 22.49
CA ALA B 342 2.27 -26.69 21.78
C ALA B 342 3.61 -26.98 21.11
N GLY B 343 4.56 -27.47 21.92
CA GLY B 343 5.89 -27.82 21.44
C GLY B 343 5.85 -28.88 20.32
N ARG B 344 5.02 -29.94 20.51
CA ARG B 344 4.90 -30.97 19.51
C ARG B 344 4.37 -30.37 18.19
N ARG B 345 3.31 -29.59 18.28
CA ARG B 345 2.73 -28.99 17.09
C ARG B 345 3.68 -28.04 16.43
N ALA B 346 4.52 -27.38 17.23
CA ALA B 346 5.50 -26.44 16.67
C ALA B 346 6.73 -27.17 16.18
N ARG B 347 6.74 -28.48 16.32
CA ARG B 347 7.88 -29.25 15.85
C ARG B 347 9.20 -28.86 16.50
N GLU B 348 9.13 -28.60 17.79
CA GLU B 348 10.31 -28.23 18.54
C GLU B 348 11.26 -29.44 18.56
#